data_5DGQ
#
_entry.id   5DGQ
#
_cell.length_a   61.928
_cell.length_b   102.318
_cell.length_c   90.280
_cell.angle_alpha   90.00
_cell.angle_beta   97.72
_cell.angle_gamma   90.00
#
_symmetry.space_group_name_H-M   'P 1 21 1'
#
loop_
_entity.id
_entity.type
_entity.pdbx_description
1 polymer 'Putative endoglucanase-related protein'
2 non-polymer 'SODIUM ION'
3 water water
#
_entity_poly.entity_id   1
_entity_poly.type   'polypeptide(L)'
_entity_poly.pdbx_seq_one_letter_code
;MQLLTNHLGYERLGAKQAILQAQPTLALHHADIICCQSGQSIMQLPLQACGPVAQWHIGDTYSIDFTALNICGDYRIRVG
DTESASFCVAEGLLMQNTFSDVLHYFKSQRCSGIYECADKKVPLFGTNETVDVHGGWYDASGDVSKYFSHLSYGNYLNPQ
QTPMVVWNMLTAYEVLEDEESIADFTRVRLVEEALYGADFLLRMQHPQGYFYMTVFDKWSKSTEQREVCAFSTQDGHKSA
DYQAGFRQGAGVAIAALAAASRLSNLASTSRIPQCGDIKADTYLEAAKKGYWHLKEMNHQYLDNGKENIIDEYCALLASV
ELYRSTQENNFLAEARMWADKLMARQMSDHNFAHYWAANDDGSRPYFHAAEAGLPAIALMQYLQIETHAQRAEQCQSVLL
NALNFELSITHEVNNPFGYPRQYTKAVNGDKQSAFFMPHDNETGYWWQGENARIASLITMAYMAQNTINDNEIKSQLMIY
AHRLTDWILGLNPFDMCMLDGHGRNNPDYLPELGFSNAKGGVCNGITSGFENEQGIAFKPEKQKDDMLQNWRWGEQWIPH
GAWYLLAITMQFKERNHVLEHHHHHH
;
_entity_poly.pdbx_strand_id   A,B
#
# COMPACT_ATOMS: atom_id res chain seq x y z
N MET A 1 32.40 12.09 6.11
CA MET A 1 32.16 11.48 4.79
C MET A 1 30.80 10.73 4.78
N GLN A 2 30.28 10.47 3.59
CA GLN A 2 29.03 9.75 3.48
C GLN A 2 29.14 8.74 2.29
N LEU A 3 28.67 7.50 2.48
CA LEU A 3 28.66 6.50 1.41
C LEU A 3 27.22 6.29 0.95
N LEU A 4 26.94 6.62 -0.31
CA LEU A 4 25.58 6.54 -0.91
C LEU A 4 25.45 5.32 -1.79
N THR A 5 24.36 4.61 -1.58
CA THR A 5 24.10 3.43 -2.42
C THR A 5 22.62 3.35 -2.81
N ASN A 6 22.30 2.50 -3.78
CA ASN A 6 20.94 2.03 -3.95
C ASN A 6 20.42 1.50 -2.62
N HIS A 7 19.34 2.09 -2.07
CA HIS A 7 18.84 1.64 -0.75
C HIS A 7 18.40 0.18 -0.75
N LEU A 8 17.94 -0.32 -1.90
CA LEU A 8 17.45 -1.69 -1.94
C LEU A 8 18.61 -2.61 -2.31
N GLY A 9 19.29 -2.23 -3.37
CA GLY A 9 20.47 -3.02 -3.78
C GLY A 9 20.63 -3.04 -5.29
N TYR A 10 21.24 -4.12 -5.80
CA TYR A 10 21.70 -4.21 -7.19
C TYR A 10 21.26 -5.52 -7.81
N GLU A 11 20.77 -5.43 -9.07
CA GLU A 11 20.48 -6.61 -9.90
C GLU A 11 21.81 -7.43 -9.98
N ARG A 12 21.69 -8.74 -9.85
CA ARG A 12 22.85 -9.61 -9.72
C ARG A 12 23.91 -9.36 -10.82
N LEU A 13 23.51 -9.31 -12.08
CA LEU A 13 24.44 -9.05 -13.19
C LEU A 13 24.40 -7.59 -13.63
N GLY A 14 25.53 -7.05 -14.00
CA GLY A 14 25.65 -5.69 -14.52
C GLY A 14 26.02 -4.64 -13.46
N ALA A 15 25.96 -3.39 -13.92
CA ALA A 15 26.66 -2.24 -13.32
C ALA A 15 26.23 -1.96 -11.92
N LYS A 16 27.23 -1.78 -11.05
CA LYS A 16 27.02 -1.51 -9.63
C LYS A 16 28.00 -0.47 -9.18
N GLN A 17 27.51 0.63 -8.58
CA GLN A 17 28.42 1.62 -7.96
C GLN A 17 27.84 2.14 -6.67
N ALA A 18 28.73 2.63 -5.81
CA ALA A 18 28.37 3.49 -4.69
C ALA A 18 29.06 4.85 -4.91
N ILE A 19 28.60 5.90 -4.22
CA ILE A 19 29.18 7.23 -4.35
C ILE A 19 29.62 7.67 -2.97
N LEU A 20 30.89 8.05 -2.89
CA LEU A 20 31.44 8.69 -1.69
C LEU A 20 31.45 10.19 -1.79
N GLN A 21 30.86 10.84 -0.79
CA GLN A 21 30.98 12.29 -0.58
C GLN A 21 32.01 12.49 0.54
N ALA A 22 33.11 13.18 0.26
CA ALA A 22 34.20 13.37 1.23
C ALA A 22 35.01 14.59 0.78
N GLN A 23 35.68 15.22 1.72
CA GLN A 23 36.63 16.35 1.50
C GLN A 23 37.61 16.19 0.33
N PRO A 24 37.99 17.34 -0.34
CA PRO A 24 38.91 17.28 -1.53
C PRO A 24 40.22 16.50 -1.22
N THR A 25 40.43 16.40 0.10
CA THR A 25 41.69 16.35 0.77
C THR A 25 41.88 14.92 1.30
N LEU A 26 41.15 13.99 0.69
CA LEU A 26 41.07 12.63 1.16
C LEU A 26 42.41 11.94 0.95
N ALA A 27 43.00 11.48 2.06
CA ALA A 27 44.23 10.69 2.04
C ALA A 27 43.97 9.26 1.53
N LEU A 28 42.82 8.69 1.90
CA LEU A 28 42.41 7.33 1.48
C LEU A 28 42.25 7.11 -0.01
N HIS A 29 42.48 5.88 -0.41
CA HIS A 29 42.51 5.53 -1.81
C HIS A 29 41.84 4.23 -2.18
N HIS A 30 41.28 3.50 -1.21
CA HIS A 30 40.51 2.29 -1.54
C HIS A 30 39.19 2.13 -0.75
N ALA A 31 38.29 1.28 -1.28
CA ALA A 31 37.05 0.88 -0.62
C ALA A 31 37.04 -0.65 -0.48
N ASP A 32 36.37 -1.14 0.55
CA ASP A 32 36.11 -2.55 0.64
C ASP A 32 34.61 -2.75 0.56
N ILE A 33 34.26 -3.86 -0.06
CA ILE A 33 32.94 -4.46 -0.06
C ILE A 33 32.90 -5.59 1.01
N ILE A 34 32.12 -5.35 2.05
CA ILE A 34 31.99 -6.27 3.14
C ILE A 34 30.76 -7.12 3.00
N CYS A 35 30.94 -8.45 3.21
CA CYS A 35 29.86 -9.45 3.41
C CYS A 35 29.26 -9.25 4.82
N CYS A 36 27.99 -8.88 4.86
CA CYS A 36 27.32 -8.53 6.11
C CYS A 36 27.34 -9.71 7.08
N GLN A 37 27.12 -10.88 6.54
CA GLN A 37 26.87 -12.09 7.34
C GLN A 37 28.15 -12.49 8.16
N SER A 38 29.32 -12.33 7.57
CA SER A 38 30.57 -12.73 8.20
C SER A 38 31.44 -11.50 8.56
N GLY A 39 31.20 -10.33 7.97
CA GLY A 39 32.10 -9.16 8.18
C GLY A 39 33.37 -9.20 7.34
N GLN A 40 33.55 -10.19 6.47
CA GLN A 40 34.82 -10.24 5.67
C GLN A 40 34.70 -9.39 4.41
N SER A 41 35.77 -8.65 4.07
CA SER A 41 35.85 -7.93 2.83
C SER A 41 36.04 -8.96 1.76
N ILE A 42 35.23 -8.88 0.71
CA ILE A 42 35.37 -9.89 -0.33
C ILE A 42 35.83 -9.28 -1.64
N MET A 43 36.11 -7.98 -1.61
CA MET A 43 36.53 -7.20 -2.78
C MET A 43 37.10 -5.85 -2.34
N GLN A 44 38.21 -5.46 -2.97
CA GLN A 44 38.82 -4.16 -2.68
C GLN A 44 38.91 -3.26 -3.90
N LEU A 45 38.56 -2.00 -3.79
CA LEU A 45 38.33 -1.23 -5.07
C LEU A 45 38.86 0.17 -5.05
N PRO A 46 39.32 0.67 -6.23
CA PRO A 46 39.80 2.07 -6.22
C PRO A 46 38.66 3.10 -6.12
N LEU A 47 38.99 4.31 -5.60
CA LEU A 47 38.07 5.48 -5.59
C LEU A 47 38.32 6.35 -6.78
N GLN A 48 37.30 6.62 -7.59
CA GLN A 48 37.53 7.51 -8.73
C GLN A 48 36.92 8.87 -8.50
N ALA A 49 37.71 9.95 -8.54
CA ALA A 49 37.19 11.28 -8.27
C ALA A 49 36.21 11.68 -9.42
N CYS A 50 35.06 12.26 -9.06
CA CYS A 50 34.06 12.67 -10.04
C CYS A 50 33.96 14.18 -10.18
N GLY A 51 34.44 14.95 -9.23
CA GLY A 51 34.49 16.40 -9.41
C GLY A 51 33.18 17.04 -9.00
N PRO A 52 33.20 18.37 -8.77
CA PRO A 52 31.91 18.97 -8.34
C PRO A 52 30.85 18.92 -9.51
N VAL A 53 29.56 18.97 -9.16
CA VAL A 53 28.47 18.94 -10.14
C VAL A 53 27.77 20.27 -10.29
N ALA A 54 27.81 20.83 -11.50
CA ALA A 54 27.13 22.11 -11.86
C ALA A 54 27.23 23.14 -10.73
N GLN A 55 26.13 23.67 -10.20
CA GLN A 55 26.21 24.39 -8.91
C GLN A 55 25.44 23.71 -7.82
N TRP A 56 25.49 22.39 -7.80
CA TRP A 56 24.86 21.64 -6.67
C TRP A 56 25.46 21.89 -5.31
N HIS A 57 26.75 22.31 -5.29
CA HIS A 57 27.51 22.51 -4.06
C HIS A 57 27.42 21.29 -3.13
N ILE A 58 27.54 20.05 -3.63
CA ILE A 58 27.53 18.86 -2.75
C ILE A 58 28.97 18.44 -2.39
N GLY A 59 29.94 19.23 -2.86
CA GLY A 59 31.34 19.00 -2.57
C GLY A 59 31.84 17.94 -3.49
N ASP A 60 32.84 17.22 -3.01
CA ASP A 60 33.52 16.33 -3.90
C ASP A 60 32.96 14.97 -3.73
N THR A 61 33.03 14.22 -4.80
CA THR A 61 32.46 12.86 -4.83
C THR A 61 33.45 11.94 -5.52
N TYR A 62 33.34 10.64 -5.20
CA TYR A 62 34.17 9.59 -5.76
C TYR A 62 33.24 8.41 -6.07
N SER A 63 33.50 7.73 -7.15
CA SER A 63 32.71 6.57 -7.47
C SER A 63 33.51 5.32 -7.15
N ILE A 64 32.74 4.27 -6.82
CA ILE A 64 33.24 2.97 -6.41
C ILE A 64 32.50 1.97 -7.31
N ASP A 65 33.23 1.41 -8.26
CA ASP A 65 32.65 0.46 -9.20
C ASP A 65 32.84 -1.02 -8.80
N PHE A 66 31.77 -1.65 -8.33
CA PHE A 66 31.82 -3.04 -7.92
C PHE A 66 30.96 -3.95 -8.78
N THR A 67 30.87 -3.58 -10.06
CA THR A 67 30.19 -4.38 -11.10
C THR A 67 30.59 -5.86 -11.11
N ALA A 68 31.91 -6.17 -10.99
CA ALA A 68 32.44 -7.57 -10.93
C ALA A 68 31.76 -8.47 -9.87
N LEU A 69 31.20 -7.90 -8.81
CA LEU A 69 30.45 -8.66 -7.81
C LEU A 69 29.15 -9.20 -8.37
N ASN A 70 29.10 -10.52 -8.51
CA ASN A 70 27.91 -11.24 -9.01
C ASN A 70 27.25 -12.05 -7.93
N ILE A 71 27.84 -12.14 -6.73
CA ILE A 71 27.47 -13.18 -5.75
C ILE A 71 26.34 -12.65 -4.89
N CYS A 72 25.22 -13.37 -4.87
CA CYS A 72 24.01 -12.96 -4.13
C CYS A 72 24.32 -12.85 -2.69
N GLY A 73 23.75 -11.85 -2.02
CA GLY A 73 23.85 -11.72 -0.56
C GLY A 73 23.67 -10.27 -0.12
N ASP A 74 24.02 -10.00 1.11
CA ASP A 74 23.91 -8.65 1.63
C ASP A 74 25.28 -8.13 1.85
N TYR A 75 25.45 -6.87 1.50
CA TYR A 75 26.75 -6.22 1.67
C TYR A 75 26.70 -4.81 2.14
N ARG A 76 27.87 -4.30 2.50
CA ARG A 76 28.03 -2.87 2.68
C ARG A 76 29.36 -2.38 2.15
N ILE A 77 29.45 -1.07 1.98
CA ILE A 77 30.68 -0.45 1.46
C ILE A 77 31.34 0.16 2.67
N ARG A 78 32.69 0.00 2.75
CA ARG A 78 33.48 0.69 3.78
C ARG A 78 34.61 1.50 3.14
N VAL A 79 34.73 2.73 3.61
CA VAL A 79 35.87 3.58 3.29
C VAL A 79 36.40 4.10 4.62
N GLY A 80 37.58 3.60 5.01
CA GLY A 80 38.16 4.03 6.30
C GLY A 80 37.24 3.51 7.37
N ASP A 81 36.74 4.42 8.19
CA ASP A 81 35.82 4.10 9.27
C ASP A 81 34.37 4.43 8.93
N THR A 82 34.11 4.86 7.68
CA THR A 82 32.76 5.16 7.19
C THR A 82 32.24 3.93 6.47
N GLU A 83 31.01 3.57 6.80
CA GLU A 83 30.32 2.47 6.13
C GLU A 83 28.98 2.97 5.50
N SER A 84 28.57 2.36 4.38
CA SER A 84 27.23 2.63 3.80
C SER A 84 26.22 1.81 4.61
N ALA A 85 24.94 1.92 4.27
CA ALA A 85 23.94 1.04 4.82
C ALA A 85 24.10 -0.25 4.04
N SER A 86 23.52 -1.30 4.58
CA SER A 86 23.44 -2.62 4.00
C SER A 86 22.58 -2.59 2.75
N PHE A 87 22.88 -3.44 1.76
CA PHE A 87 22.04 -3.57 0.56
C PHE A 87 22.20 -4.96 0.03
N CYS A 88 21.28 -5.33 -0.89
CA CYS A 88 21.13 -6.69 -1.37
C CYS A 88 21.63 -6.81 -2.80
N VAL A 89 22.35 -7.87 -3.07
CA VAL A 89 22.59 -8.26 -4.46
C VAL A 89 21.69 -9.49 -4.73
N ALA A 90 20.80 -9.42 -5.73
CA ALA A 90 19.84 -10.51 -6.05
C ALA A 90 19.48 -10.53 -7.50
N GLU A 91 19.19 -11.73 -8.02
CA GLU A 91 18.63 -11.84 -9.34
C GLU A 91 17.15 -11.40 -9.25
N GLY A 92 16.70 -10.61 -10.19
CA GLY A 92 15.27 -10.21 -10.19
C GLY A 92 14.97 -9.27 -9.04
N LEU A 93 15.98 -8.50 -8.59
CA LEU A 93 15.81 -7.85 -7.27
C LEU A 93 14.48 -6.97 -7.16
N LEU A 94 14.33 -6.03 -8.08
CA LEU A 94 13.22 -5.05 -7.91
C LEU A 94 11.88 -5.72 -8.22
N MET A 95 11.92 -6.72 -9.10
CA MET A 95 10.72 -7.53 -9.38
C MET A 95 10.28 -8.24 -8.13
N GLN A 96 11.23 -8.92 -7.48
CA GLN A 96 10.97 -9.69 -6.31
C GLN A 96 10.45 -8.80 -5.16
N ASN A 97 11.01 -7.62 -5.04
CA ASN A 97 10.77 -6.85 -3.84
C ASN A 97 9.75 -5.70 -3.91
N THR A 98 9.45 -5.23 -5.13
CA THR A 98 8.65 -3.98 -5.30
C THR A 98 7.45 -4.10 -6.21
N PHE A 99 7.50 -4.99 -7.18
CA PHE A 99 6.44 -5.10 -8.19
C PHE A 99 5.06 -5.23 -7.55
N SER A 100 4.91 -6.23 -6.70
CA SER A 100 3.60 -6.45 -6.04
C SER A 100 3.13 -5.14 -5.35
N ASP A 101 4.04 -4.43 -4.72
CA ASP A 101 3.64 -3.24 -3.97
C ASP A 101 3.20 -2.13 -4.86
N VAL A 102 3.79 -2.02 -6.05
CA VAL A 102 3.31 -0.99 -7.00
C VAL A 102 1.91 -1.28 -7.51
N LEU A 103 1.59 -2.54 -7.73
CA LEU A 103 0.21 -2.92 -8.10
C LEU A 103 -0.77 -2.60 -7.00
N HIS A 104 -0.41 -2.93 -5.77
CA HIS A 104 -1.31 -2.60 -4.61
C HIS A 104 -1.44 -1.05 -4.53
N TYR A 105 -0.33 -0.31 -4.85
CA TYR A 105 -0.43 1.17 -4.92
C TYR A 105 -1.55 1.61 -5.89
N PHE A 106 -1.55 1.11 -7.13
CA PHE A 106 -2.60 1.46 -8.09
C PHE A 106 -3.96 1.06 -7.57
N LYS A 107 -4.06 -0.12 -6.96
CA LYS A 107 -5.42 -0.56 -6.58
C LYS A 107 -5.88 0.42 -5.46
N SER A 108 -4.92 0.88 -4.64
CA SER A 108 -5.24 1.81 -3.56
C SER A 108 -5.67 3.18 -4.06
N GLN A 109 -5.36 3.51 -5.33
CA GLN A 109 -5.61 4.86 -5.87
C GLN A 109 -6.76 4.87 -6.84
N ARG A 110 -7.47 3.76 -6.97
CA ARG A 110 -8.68 3.70 -7.82
C ARG A 110 -9.73 4.70 -7.35
N CYS A 111 -10.32 5.40 -8.31
CA CYS A 111 -11.45 6.32 -8.01
C CYS A 111 -12.62 5.52 -7.36
N SER A 112 -13.16 6.00 -6.25
CA SER A 112 -14.05 5.14 -5.55
C SER A 112 -15.00 6.07 -4.75
N GLY A 113 -15.89 5.46 -3.96
CA GLY A 113 -16.72 6.20 -2.99
C GLY A 113 -17.48 7.33 -3.62
N ILE A 114 -17.46 8.49 -2.93
CA ILE A 114 -18.23 9.66 -3.38
C ILE A 114 -17.72 10.20 -4.73
N TYR A 115 -16.44 9.97 -5.05
CA TYR A 115 -15.91 10.52 -6.29
C TYR A 115 -16.35 9.68 -7.47
N GLU A 116 -16.38 8.36 -7.25
CA GLU A 116 -16.98 7.47 -8.23
C GLU A 116 -18.50 7.81 -8.39
N CYS A 117 -19.20 8.07 -7.29
CA CYS A 117 -20.59 8.40 -7.40
C CYS A 117 -20.77 9.70 -8.27
N ALA A 118 -19.90 10.68 -8.07
CA ALA A 118 -19.97 11.94 -8.83
C ALA A 118 -19.71 11.74 -10.32
N ASP A 119 -18.70 10.91 -10.61
CA ASP A 119 -18.32 10.67 -11.98
C ASP A 119 -19.26 9.87 -12.80
N LYS A 120 -20.28 9.23 -12.20
CA LYS A 120 -21.27 8.56 -13.03
C LYS A 120 -22.19 9.62 -13.68
N LYS A 121 -22.15 10.87 -13.22
CA LYS A 121 -23.01 11.91 -13.82
C LYS A 121 -22.31 13.25 -13.88
N VAL A 122 -21.10 13.29 -14.44
CA VAL A 122 -20.31 14.53 -14.33
C VAL A 122 -20.69 15.46 -15.45
N PRO A 123 -20.75 16.77 -15.14
CA PRO A 123 -21.13 17.67 -16.22
C PRO A 123 -20.00 17.84 -17.26
N LEU A 124 -20.38 18.06 -18.53
CA LEU A 124 -19.43 18.50 -19.56
C LEU A 124 -19.40 20.05 -19.51
N PHE A 125 -18.20 20.60 -19.35
CA PHE A 125 -17.96 22.07 -19.27
C PHE A 125 -18.68 22.83 -20.39
N GLY A 126 -19.45 23.85 -20.01
CA GLY A 126 -20.13 24.71 -21.00
C GLY A 126 -21.39 24.11 -21.59
N THR A 127 -21.87 22.96 -21.09
CA THR A 127 -23.11 22.35 -21.62
C THR A 127 -23.93 21.93 -20.42
N ASN A 128 -25.19 21.58 -20.65
CA ASN A 128 -26.01 20.99 -19.63
C ASN A 128 -26.08 19.46 -19.79
N GLU A 129 -25.09 18.85 -20.47
CA GLU A 129 -25.13 17.39 -20.58
C GLU A 129 -24.26 16.83 -19.45
N THR A 130 -24.51 15.58 -19.09
CA THR A 130 -23.65 14.92 -18.11
C THR A 130 -23.22 13.57 -18.73
N VAL A 131 -22.13 12.99 -18.19
CA VAL A 131 -21.55 11.79 -18.79
C VAL A 131 -21.11 10.88 -17.65
N ASP A 132 -21.10 9.56 -17.94
CA ASP A 132 -20.68 8.59 -16.97
C ASP A 132 -19.19 8.33 -17.32
N VAL A 133 -18.30 8.90 -16.51
CA VAL A 133 -16.87 8.70 -16.74
C VAL A 133 -16.26 8.10 -15.47
N HIS A 134 -16.99 7.21 -14.76
CA HIS A 134 -16.45 6.66 -13.53
C HIS A 134 -15.29 5.72 -13.89
N GLY A 135 -14.50 5.42 -12.86
CA GLY A 135 -13.40 4.43 -13.02
C GLY A 135 -12.04 5.17 -13.05
N GLY A 136 -11.00 4.45 -13.49
CA GLY A 136 -9.65 4.97 -13.45
C GLY A 136 -9.12 5.26 -12.03
N TRP A 137 -8.10 6.10 -11.97
CA TRP A 137 -7.37 6.40 -10.76
C TRP A 137 -7.21 7.86 -10.48
N TYR A 138 -7.20 8.21 -9.18
CA TYR A 138 -6.85 9.57 -8.81
C TYR A 138 -5.46 9.86 -9.37
N ASP A 139 -5.30 11.08 -9.86
CA ASP A 139 -4.03 11.40 -10.51
C ASP A 139 -2.85 11.49 -9.58
N ALA A 140 -3.08 11.91 -8.30
CA ALA A 140 -1.96 12.30 -7.45
C ALA A 140 -2.32 12.17 -6.02
N SER A 141 -1.30 12.12 -5.14
CA SER A 141 -1.59 11.99 -3.72
C SER A 141 -2.32 13.22 -3.16
N GLY A 142 -2.29 14.35 -3.90
CA GLY A 142 -3.08 15.53 -3.57
C GLY A 142 -4.12 15.94 -4.62
N ASP A 143 -4.56 15.04 -5.47
CA ASP A 143 -5.50 15.42 -6.58
C ASP A 143 -6.35 14.21 -6.94
N VAL A 144 -7.64 14.34 -6.65
CA VAL A 144 -8.60 13.26 -7.05
C VAL A 144 -9.17 13.47 -8.46
N SER A 145 -8.71 14.51 -9.18
CA SER A 145 -9.04 14.66 -10.58
C SER A 145 -8.40 13.53 -11.37
N LYS A 146 -8.91 13.33 -12.61
CA LYS A 146 -8.50 12.20 -13.48
C LYS A 146 -8.16 12.73 -14.84
N TYR A 147 -7.06 12.22 -15.45
CA TYR A 147 -6.53 12.92 -16.63
C TYR A 147 -6.15 11.95 -17.78
N PHE A 148 -6.40 12.38 -19.00
CA PHE A 148 -5.70 11.86 -20.20
C PHE A 148 -4.41 12.65 -20.22
N SER A 149 -4.51 14.00 -20.05
CA SER A 149 -3.33 14.88 -20.09
C SER A 149 -3.74 16.24 -19.54
N HIS A 150 -2.77 17.17 -19.41
CA HIS A 150 -3.09 18.57 -19.07
C HIS A 150 -1.88 19.37 -19.55
N LEU A 151 -1.81 20.67 -19.26
CA LEU A 151 -0.74 21.55 -19.84
C LEU A 151 -0.91 21.72 -21.35
N SER A 152 -2.13 21.48 -21.85
CA SER A 152 -2.30 21.54 -23.30
C SER A 152 -2.00 22.95 -23.91
N TYR A 153 -2.25 24.01 -23.14
CA TYR A 153 -2.05 25.37 -23.62
C TYR A 153 -0.57 25.69 -23.86
N GLY A 154 0.33 24.89 -23.29
CA GLY A 154 1.78 25.05 -23.41
C GLY A 154 2.29 24.37 -24.69
N ASN A 155 1.44 23.54 -25.31
CA ASN A 155 1.71 22.73 -26.54
C ASN A 155 2.82 21.66 -26.52
N TYR A 156 3.97 21.99 -25.94
CA TYR A 156 5.10 21.01 -25.94
C TYR A 156 5.30 20.23 -24.63
N LEU A 157 4.35 20.29 -23.69
CA LEU A 157 4.56 19.76 -22.31
C LEU A 157 3.54 18.69 -21.96
N ASN A 158 2.54 18.48 -22.81
CA ASN A 158 1.47 17.47 -22.50
C ASN A 158 2.11 16.13 -21.99
N PRO A 159 1.80 15.71 -20.77
CA PRO A 159 2.23 14.37 -20.34
C PRO A 159 1.11 13.35 -20.56
N GLN A 160 1.50 12.14 -20.98
CA GLN A 160 0.54 11.02 -21.17
C GLN A 160 0.24 10.44 -19.79
N GLN A 161 -1.00 10.62 -19.33
CA GLN A 161 -1.35 10.27 -17.95
C GLN A 161 -2.04 8.89 -17.76
N THR A 162 -3.34 8.88 -17.47
CA THR A 162 -4.06 7.61 -17.37
C THR A 162 -3.81 6.65 -18.56
N PRO A 163 -3.90 7.15 -19.82
CA PRO A 163 -3.64 6.19 -20.88
C PRO A 163 -2.28 5.55 -20.78
N MET A 164 -1.25 6.31 -20.32
CA MET A 164 0.13 5.71 -20.27
C MET A 164 0.16 4.64 -19.23
N VAL A 165 -0.60 4.84 -18.13
CA VAL A 165 -0.64 3.78 -17.10
C VAL A 165 -1.13 2.45 -17.75
N VAL A 166 -2.17 2.54 -18.58
CA VAL A 166 -2.84 1.33 -19.11
C VAL A 166 -1.92 0.68 -20.16
N TRP A 167 -1.32 1.52 -20.99
CA TRP A 167 -0.44 0.92 -22.04
C TRP A 167 0.79 0.24 -21.33
N ASN A 168 1.33 0.92 -20.31
CA ASN A 168 2.52 0.40 -19.59
C ASN A 168 2.18 -0.90 -18.92
N MET A 169 1.01 -0.99 -18.27
CA MET A 169 0.60 -2.25 -17.64
C MET A 169 0.43 -3.37 -18.65
N LEU A 170 -0.25 -3.06 -19.76
CA LEU A 170 -0.47 -4.07 -20.80
C LEU A 170 0.82 -4.53 -21.43
N THR A 171 1.71 -3.58 -21.68
CA THR A 171 3.01 -3.90 -22.24
C THR A 171 3.80 -4.79 -21.25
N ALA A 172 3.87 -4.41 -19.97
CA ALA A 172 4.45 -5.25 -18.90
C ALA A 172 3.81 -6.70 -18.88
N TYR A 173 2.47 -6.77 -18.98
CA TYR A 173 1.78 -8.07 -18.90
C TYR A 173 2.35 -8.94 -20.06
N GLU A 174 2.47 -8.36 -21.24
CA GLU A 174 2.96 -9.14 -22.39
C GLU A 174 4.42 -9.62 -22.22
N VAL A 175 5.26 -8.73 -21.74
CA VAL A 175 6.69 -9.05 -21.49
C VAL A 175 6.79 -10.18 -20.49
N LEU A 176 5.93 -10.17 -19.45
CA LEU A 176 5.94 -11.23 -18.44
C LEU A 176 5.37 -12.61 -18.86
N GLU A 177 4.67 -12.68 -19.96
CA GLU A 177 3.99 -13.90 -20.43
C GLU A 177 4.91 -15.13 -20.46
N ASP A 178 6.06 -15.06 -21.05
CA ASP A 178 6.89 -16.26 -21.05
C ASP A 178 7.88 -16.29 -19.85
N GLU A 179 7.59 -15.51 -18.76
CA GLU A 179 8.40 -15.68 -17.55
C GLU A 179 7.88 -16.77 -16.61
N GLU A 180 8.60 -17.91 -16.57
CA GLU A 180 8.16 -19.07 -15.77
C GLU A 180 8.06 -18.74 -14.28
N SER A 181 8.86 -17.80 -13.77
CA SER A 181 8.86 -17.55 -12.33
C SER A 181 7.78 -16.56 -11.89
N ILE A 182 7.06 -15.96 -12.85
CA ILE A 182 5.88 -15.09 -12.47
C ILE A 182 4.66 -16.01 -12.32
N ALA A 183 3.97 -15.87 -11.21
CA ALA A 183 2.83 -16.69 -10.90
C ALA A 183 1.57 -16.17 -11.62
N ASP A 184 0.61 -17.09 -11.83
CA ASP A 184 -0.61 -16.67 -12.53
C ASP A 184 -1.44 -15.77 -11.67
N PHE A 185 -1.31 -15.90 -10.37
CA PHE A 185 -2.11 -14.93 -9.53
C PHE A 185 -1.62 -13.46 -9.77
N THR A 186 -0.30 -13.31 -9.97
CA THR A 186 0.25 -12.00 -10.33
C THR A 186 -0.35 -11.46 -11.66
N ARG A 187 -0.48 -12.36 -12.65
CA ARG A 187 -1.08 -12.04 -13.93
C ARG A 187 -2.54 -11.62 -13.71
N VAL A 188 -3.30 -12.36 -12.86
CA VAL A 188 -4.66 -11.96 -12.51
C VAL A 188 -4.67 -10.52 -12.01
N ARG A 189 -3.81 -10.20 -11.05
CA ARG A 189 -3.75 -8.84 -10.51
C ARG A 189 -3.35 -7.80 -11.57
N LEU A 190 -2.34 -8.11 -12.39
CA LEU A 190 -1.83 -7.07 -13.33
C LEU A 190 -2.87 -6.83 -14.45
N VAL A 191 -3.37 -7.89 -15.05
CA VAL A 191 -4.39 -7.69 -16.08
C VAL A 191 -5.68 -7.07 -15.51
N GLU A 192 -6.01 -7.37 -14.26
CA GLU A 192 -7.17 -6.69 -13.68
C GLU A 192 -6.99 -5.18 -13.69
N GLU A 193 -5.82 -4.77 -13.23
CA GLU A 193 -5.52 -3.33 -13.10
C GLU A 193 -5.49 -2.72 -14.45
N ALA A 194 -4.85 -3.40 -15.44
CA ALA A 194 -4.82 -2.84 -16.78
C ALA A 194 -6.21 -2.69 -17.46
N LEU A 195 -7.00 -3.73 -17.39
CA LEU A 195 -8.37 -3.71 -17.98
C LEU A 195 -9.35 -2.80 -17.22
N TYR A 196 -9.15 -2.69 -15.94
CA TYR A 196 -9.86 -1.64 -15.10
C TYR A 196 -9.56 -0.27 -15.78
N GLY A 197 -8.27 0.00 -16.00
CA GLY A 197 -7.91 1.22 -16.72
C GLY A 197 -8.51 1.33 -18.13
N ALA A 198 -8.40 0.26 -18.93
CA ALA A 198 -8.93 0.31 -20.31
C ALA A 198 -10.44 0.57 -20.31
N ASP A 199 -11.17 -0.02 -19.35
CA ASP A 199 -12.60 0.29 -19.20
C ASP A 199 -12.91 1.78 -19.01
N PHE A 200 -12.07 2.44 -18.23
CA PHE A 200 -12.15 3.87 -18.04
C PHE A 200 -11.83 4.57 -19.33
N LEU A 201 -10.77 4.14 -20.04
CA LEU A 201 -10.57 4.76 -21.36
C LEU A 201 -11.81 4.72 -22.22
N LEU A 202 -12.53 3.56 -22.27
CA LEU A 202 -13.75 3.43 -23.08
C LEU A 202 -14.81 4.45 -22.64
N ARG A 203 -14.98 4.64 -21.34
CA ARG A 203 -16.01 5.55 -20.87
C ARG A 203 -15.62 6.99 -21.22
N MET A 204 -14.32 7.20 -21.46
CA MET A 204 -13.85 8.55 -21.78
C MET A 204 -13.99 8.92 -23.25
N GLN A 205 -14.52 8.03 -24.08
CA GLN A 205 -14.69 8.29 -25.48
C GLN A 205 -16.11 8.78 -25.77
N HIS A 206 -16.20 9.92 -26.41
CA HIS A 206 -17.49 10.49 -26.88
C HIS A 206 -17.98 9.69 -28.09
N PRO A 207 -19.32 9.56 -28.27
CA PRO A 207 -19.82 8.81 -29.46
C PRO A 207 -19.22 9.26 -30.81
N GLN A 208 -18.86 10.53 -30.96
CA GLN A 208 -18.20 10.96 -32.18
C GLN A 208 -16.84 10.27 -32.37
N GLY A 209 -16.16 9.88 -31.30
CA GLY A 209 -14.87 9.26 -31.49
C GLY A 209 -13.72 9.87 -30.72
N TYR A 210 -13.87 11.13 -30.31
CA TYR A 210 -12.78 11.78 -29.54
C TYR A 210 -12.90 11.39 -28.07
N PHE A 211 -11.79 11.55 -27.33
CA PHE A 211 -11.74 11.30 -25.89
C PHE A 211 -11.74 12.64 -25.12
N TYR A 212 -12.35 12.65 -23.92
CA TYR A 212 -12.26 13.80 -23.01
C TYR A 212 -10.90 13.88 -22.40
N MET A 213 -10.42 15.11 -22.25
CA MET A 213 -9.05 15.34 -21.73
C MET A 213 -8.90 15.19 -20.21
N THR A 214 -9.92 15.53 -19.43
CA THR A 214 -9.73 15.68 -17.98
C THR A 214 -11.09 15.63 -17.30
N VAL A 215 -11.13 15.04 -16.10
CA VAL A 215 -12.26 15.23 -15.18
C VAL A 215 -11.62 15.99 -14.04
N PHE A 216 -11.96 17.28 -13.91
CA PHE A 216 -11.18 18.16 -13.07
C PHE A 216 -12.04 18.91 -12.05
N ASP A 217 -11.49 19.07 -10.84
CA ASP A 217 -12.25 19.73 -9.76
C ASP A 217 -11.59 20.97 -9.31
N LYS A 218 -10.70 21.57 -10.10
CA LYS A 218 -9.89 22.69 -9.59
C LYS A 218 -9.13 22.44 -8.29
N TRP A 219 -8.74 21.17 -8.05
CA TRP A 219 -8.00 20.75 -6.86
C TRP A 219 -8.81 20.86 -5.57
N SER A 220 -10.14 21.02 -5.69
CA SER A 220 -10.95 21.37 -4.49
C SER A 220 -11.28 20.14 -3.65
N LYS A 221 -11.21 18.92 -4.22
CA LYS A 221 -11.71 17.66 -3.57
C LYS A 221 -13.25 17.67 -3.37
N SER A 222 -13.94 18.65 -3.96
CA SER A 222 -15.42 18.75 -3.97
C SER A 222 -16.04 17.85 -5.03
N THR A 223 -17.04 17.02 -4.66
CA THR A 223 -17.75 16.29 -5.67
C THR A 223 -18.42 17.15 -6.78
N GLU A 224 -19.13 18.21 -6.40
CA GLU A 224 -19.88 19.04 -7.34
C GLU A 224 -19.02 19.79 -8.34
N GLN A 225 -17.80 20.20 -7.94
CA GLN A 225 -16.91 20.85 -8.79
C GLN A 225 -16.30 19.95 -9.87
N ARG A 226 -16.41 18.65 -9.78
CA ARG A 226 -15.87 17.81 -10.90
C ARG A 226 -16.53 18.08 -12.19
N GLU A 227 -15.73 18.16 -13.28
CA GLU A 227 -16.32 18.56 -14.58
C GLU A 227 -15.36 18.15 -15.66
N VAL A 228 -15.90 17.63 -16.76
CA VAL A 228 -15.14 17.31 -17.98
C VAL A 228 -14.74 18.61 -18.67
N CYS A 229 -13.44 18.83 -18.84
CA CYS A 229 -12.97 20.11 -19.31
C CYS A 229 -11.52 20.01 -19.75
N ALA A 230 -11.00 21.11 -20.31
CA ALA A 230 -9.57 21.34 -20.26
C ALA A 230 -9.37 22.43 -19.20
N PHE A 231 -8.15 22.59 -18.67
CA PHE A 231 -7.89 23.81 -17.87
C PHE A 231 -6.52 24.36 -18.19
N SER A 232 -6.26 25.58 -17.75
CA SER A 232 -4.97 26.23 -18.01
C SER A 232 -4.51 27.05 -16.84
N THR A 233 -3.19 27.12 -16.68
CA THR A 233 -2.48 27.99 -15.73
C THR A 233 -2.51 27.39 -14.38
N GLN A 234 -1.73 27.96 -13.46
CA GLN A 234 -1.73 27.46 -12.09
C GLN A 234 -3.08 27.70 -11.37
N ASP A 235 -3.92 28.59 -11.89
CA ASP A 235 -5.22 28.84 -11.19
C ASP A 235 -6.29 27.86 -11.69
N GLY A 236 -6.00 27.06 -12.71
CA GLY A 236 -6.95 25.97 -13.08
C GLY A 236 -8.18 26.54 -13.78
N HIS A 237 -7.99 27.55 -14.64
CA HIS A 237 -9.18 28.15 -15.36
C HIS A 237 -9.71 27.11 -16.36
N LYS A 238 -10.96 26.73 -16.20
CA LYS A 238 -11.47 25.67 -17.04
C LYS A 238 -11.94 26.17 -18.38
N SER A 239 -11.93 25.27 -19.37
CA SER A 239 -12.43 25.62 -20.73
C SER A 239 -13.04 24.40 -21.46
N ALA A 240 -13.67 24.71 -22.58
CA ALA A 240 -14.47 23.77 -23.37
C ALA A 240 -13.59 23.00 -24.40
N ASP A 241 -12.28 23.21 -24.40
CA ASP A 241 -11.41 22.55 -25.39
C ASP A 241 -11.05 21.17 -24.86
N TYR A 242 -12.05 20.35 -24.47
CA TYR A 242 -11.72 19.04 -23.84
C TYR A 242 -11.56 17.86 -24.82
N GLN A 243 -11.69 18.09 -26.15
CA GLN A 243 -11.37 17.05 -27.12
C GLN A 243 -9.85 16.80 -27.09
N ALA A 244 -9.43 15.54 -26.83
CA ALA A 244 -8.02 15.24 -26.60
C ALA A 244 -7.40 14.97 -27.99
N GLY A 245 -6.46 15.80 -28.42
CA GLY A 245 -5.68 15.47 -29.63
C GLY A 245 -4.69 14.31 -29.34
N PHE A 246 -4.01 13.80 -30.36
CA PHE A 246 -3.03 12.78 -30.20
C PHE A 246 -2.02 12.95 -29.08
N ARG A 247 -1.45 14.14 -28.96
CA ARG A 247 -0.49 14.47 -27.89
C ARG A 247 -1.14 14.71 -26.48
N GLN A 248 -2.46 14.80 -26.45
CA GLN A 248 -3.16 15.15 -25.19
C GLN A 248 -3.77 13.82 -24.59
N GLY A 249 -2.98 12.72 -24.66
CA GLY A 249 -3.40 11.42 -24.15
C GLY A 249 -4.11 10.47 -25.09
N ALA A 250 -4.78 10.98 -26.16
CA ALA A 250 -5.67 10.17 -26.97
C ALA A 250 -4.88 9.12 -27.81
N GLY A 251 -3.73 9.51 -28.29
CA GLY A 251 -2.91 8.53 -29.12
C GLY A 251 -2.50 7.27 -28.29
N VAL A 252 -2.04 7.53 -27.08
CA VAL A 252 -1.64 6.41 -26.14
C VAL A 252 -2.88 5.66 -25.71
N ALA A 253 -4.01 6.39 -25.52
CA ALA A 253 -5.28 5.69 -25.21
C ALA A 253 -5.69 4.71 -26.30
N ILE A 254 -5.55 5.12 -27.56
CA ILE A 254 -5.86 4.22 -28.67
C ILE A 254 -4.88 3.02 -28.63
N ALA A 255 -3.61 3.33 -28.49
CA ALA A 255 -2.56 2.26 -28.35
C ALA A 255 -2.94 1.27 -27.29
N ALA A 256 -3.34 1.77 -26.10
CA ALA A 256 -3.73 0.87 -24.98
C ALA A 256 -4.92 -0.01 -25.34
N LEU A 257 -5.99 0.57 -25.89
CA LEU A 257 -7.22 -0.17 -26.23
C LEU A 257 -6.95 -1.22 -27.33
N ALA A 258 -6.06 -0.86 -28.24
CA ALA A 258 -5.73 -1.81 -29.27
C ALA A 258 -4.91 -2.96 -28.68
N ALA A 259 -3.95 -2.66 -27.78
CA ALA A 259 -3.19 -3.74 -27.08
C ALA A 259 -4.11 -4.62 -26.21
N ALA A 260 -5.05 -3.99 -25.48
CA ALA A 260 -6.00 -4.77 -24.73
C ALA A 260 -6.77 -5.81 -25.55
N SER A 261 -7.22 -5.39 -26.73
CA SER A 261 -8.02 -6.27 -27.60
C SER A 261 -7.29 -7.57 -27.97
N ARG A 262 -5.99 -7.60 -27.76
CA ARG A 262 -5.13 -8.70 -28.23
C ARG A 262 -4.82 -9.71 -27.10
N LEU A 263 -5.33 -9.46 -25.90
CA LEU A 263 -4.93 -10.32 -24.76
C LEU A 263 -5.30 -11.82 -24.98
N SER A 264 -6.32 -12.08 -25.78
CA SER A 264 -6.69 -13.50 -26.11
C SER A 264 -5.66 -14.28 -26.87
N ASN A 265 -4.65 -13.61 -27.42
CA ASN A 265 -3.54 -14.30 -28.07
C ASN A 265 -2.57 -14.93 -27.11
N LEU A 266 -2.66 -14.54 -25.82
CA LEU A 266 -1.69 -14.94 -24.80
C LEU A 266 -2.22 -16.13 -24.05
N ALA A 267 -1.40 -17.18 -23.87
CA ALA A 267 -1.91 -18.43 -23.17
C ALA A 267 -2.47 -18.16 -21.73
N SER A 268 -1.85 -17.21 -21.04
CA SER A 268 -2.34 -16.93 -19.69
C SER A 268 -3.79 -16.51 -19.62
N THR A 269 -4.27 -15.83 -20.65
CA THR A 269 -5.62 -15.26 -20.68
C THR A 269 -6.69 -16.35 -20.54
N SER A 270 -6.46 -17.48 -21.22
CA SER A 270 -7.33 -18.67 -21.16
C SER A 270 -7.12 -19.47 -19.92
N ARG A 271 -5.90 -19.42 -19.34
CA ARG A 271 -5.46 -20.25 -18.22
C ARG A 271 -6.03 -19.80 -16.84
N ILE A 272 -6.01 -18.49 -16.61
CA ILE A 272 -6.40 -17.89 -15.34
C ILE A 272 -7.92 -18.03 -15.12
N PRO A 273 -8.39 -17.89 -13.88
CA PRO A 273 -9.84 -17.92 -13.56
C PRO A 273 -10.59 -16.87 -14.40
N GLN A 274 -11.83 -17.20 -14.76
CA GLN A 274 -12.65 -16.46 -15.76
C GLN A 274 -13.91 -15.96 -15.04
N CYS A 275 -14.42 -14.80 -15.45
CA CYS A 275 -15.81 -14.50 -15.15
C CYS A 275 -16.34 -13.83 -16.38
N GLY A 276 -16.96 -14.65 -17.25
CA GLY A 276 -17.27 -14.26 -18.64
C GLY A 276 -16.02 -13.85 -19.42
N ASP A 277 -16.21 -13.05 -20.47
CA ASP A 277 -15.13 -12.79 -21.42
C ASP A 277 -14.72 -11.32 -21.36
N ILE A 278 -13.40 -11.10 -21.50
CA ILE A 278 -12.80 -9.81 -21.84
C ILE A 278 -13.49 -9.25 -23.10
N LYS A 279 -13.72 -7.94 -23.10
CA LYS A 279 -14.42 -7.20 -24.17
C LYS A 279 -13.51 -6.86 -25.39
N ALA A 280 -12.81 -7.86 -25.95
CA ALA A 280 -11.78 -7.66 -27.01
C ALA A 280 -12.27 -6.74 -28.16
N ASP A 281 -13.42 -7.08 -28.76
CA ASP A 281 -13.93 -6.33 -29.92
C ASP A 281 -14.32 -4.95 -29.53
N THR A 282 -14.87 -4.80 -28.33
CA THR A 282 -15.21 -3.47 -27.89
C THR A 282 -13.98 -2.55 -27.82
N TYR A 283 -12.90 -3.03 -27.20
CA TYR A 283 -11.67 -2.24 -27.14
C TYR A 283 -11.11 -1.95 -28.53
N LEU A 284 -11.17 -2.93 -29.40
CA LEU A 284 -10.51 -2.75 -30.74
C LEU A 284 -11.32 -1.75 -31.59
N GLU A 285 -12.63 -1.89 -31.55
CA GLU A 285 -13.52 -0.95 -32.31
C GLU A 285 -13.41 0.51 -31.81
N ALA A 286 -13.32 0.71 -30.50
CA ALA A 286 -13.07 2.03 -29.93
C ALA A 286 -11.72 2.58 -30.39
N ALA A 287 -10.66 1.75 -30.35
CA ALA A 287 -9.31 2.21 -30.77
C ALA A 287 -9.40 2.68 -32.28
N LYS A 288 -9.97 1.84 -33.14
CA LYS A 288 -10.03 2.16 -34.57
C LYS A 288 -10.83 3.44 -34.77
N LYS A 289 -11.96 3.54 -34.08
CA LYS A 289 -12.88 4.69 -34.25
C LYS A 289 -12.12 5.95 -33.82
N GLY A 290 -11.32 5.84 -32.78
CA GLY A 290 -10.70 7.01 -32.16
C GLY A 290 -9.59 7.45 -33.12
N TYR A 291 -8.97 6.45 -33.73
CA TYR A 291 -7.83 6.69 -34.58
C TYR A 291 -8.20 7.45 -35.85
N TRP A 292 -9.17 6.91 -36.49
CA TRP A 292 -9.66 7.53 -37.74
C TRP A 292 -10.33 8.88 -37.50
N HIS A 293 -10.95 9.04 -36.33
CA HIS A 293 -11.50 10.32 -36.02
C HIS A 293 -10.43 11.42 -35.87
N LEU A 294 -9.35 11.12 -35.15
CA LEU A 294 -8.23 12.04 -35.09
C LEU A 294 -7.43 12.22 -36.42
N LYS A 295 -7.37 11.19 -37.26
CA LYS A 295 -6.75 11.42 -38.58
C LYS A 295 -7.50 12.59 -39.28
N GLU A 296 -8.80 12.66 -39.08
CA GLU A 296 -9.61 13.78 -39.64
C GLU A 296 -9.55 15.09 -38.83
N MET A 297 -9.60 14.99 -37.50
CA MET A 297 -9.86 16.15 -36.65
C MET A 297 -8.68 16.64 -35.84
N ASN A 298 -7.56 15.88 -35.84
CA ASN A 298 -6.52 16.16 -34.79
C ASN A 298 -6.19 17.63 -34.63
N HIS A 299 -5.94 18.24 -35.80
CA HIS A 299 -5.43 19.63 -35.83
C HIS A 299 -6.42 20.55 -35.07
N GLN A 300 -7.69 20.25 -35.18
CA GLN A 300 -8.69 21.14 -34.55
C GLN A 300 -8.69 21.09 -33.01
N TYR A 301 -8.06 20.04 -32.43
CA TYR A 301 -8.09 19.83 -30.97
C TYR A 301 -6.81 20.35 -30.30
N LEU A 302 -5.85 20.77 -31.13
CA LEU A 302 -4.57 21.23 -30.66
C LEU A 302 -4.58 22.74 -30.39
N ASP A 303 -4.00 23.16 -29.27
CA ASP A 303 -4.08 24.55 -28.82
C ASP A 303 -3.49 25.54 -29.85
N ASN A 304 -2.46 25.14 -30.58
CA ASN A 304 -1.91 26.01 -31.67
C ASN A 304 -2.15 25.43 -33.03
N GLY A 305 -3.00 24.40 -33.06
CA GLY A 305 -3.37 23.77 -34.37
C GLY A 305 -2.30 23.14 -35.19
N LYS A 306 -1.18 22.79 -34.56
CA LYS A 306 -0.03 22.23 -35.28
C LYS A 306 0.54 21.04 -34.45
N GLU A 307 0.65 19.89 -35.08
CA GLU A 307 1.21 18.67 -34.45
C GLU A 307 2.66 18.91 -34.15
N ASN A 308 3.19 18.18 -33.18
CA ASN A 308 4.61 18.29 -32.87
C ASN A 308 5.07 16.87 -32.50
N ILE A 309 6.29 16.78 -32.00
CA ILE A 309 6.88 15.41 -31.78
C ILE A 309 5.96 14.54 -30.90
N ILE A 310 5.29 15.21 -29.96
CA ILE A 310 4.53 14.42 -29.02
C ILE A 310 3.34 13.79 -29.83
N ASP A 311 2.63 14.54 -30.72
CA ASP A 311 1.57 13.84 -31.53
C ASP A 311 2.13 12.58 -32.23
N GLU A 312 3.34 12.74 -32.76
CA GLU A 312 3.88 11.73 -33.69
C GLU A 312 4.31 10.47 -32.89
N TYR A 313 4.95 10.62 -31.71
CA TYR A 313 5.25 9.40 -30.90
C TYR A 313 3.99 8.73 -30.36
N CYS A 314 2.96 9.55 -30.00
CA CYS A 314 1.74 8.96 -29.47
C CYS A 314 0.95 8.27 -30.60
N ALA A 315 0.89 8.92 -31.76
CA ALA A 315 0.17 8.35 -32.89
C ALA A 315 0.98 7.15 -33.49
N LEU A 316 2.29 7.22 -33.45
CA LEU A 316 3.09 5.98 -33.82
C LEU A 316 2.69 4.78 -32.90
N LEU A 317 2.60 5.00 -31.58
CA LEU A 317 2.13 3.88 -30.71
C LEU A 317 0.76 3.42 -31.12
N ALA A 318 -0.17 4.37 -31.36
CA ALA A 318 -1.51 4.02 -31.69
C ALA A 318 -1.55 3.10 -32.93
N SER A 319 -0.87 3.55 -34.00
CA SER A 319 -0.95 2.85 -35.26
C SER A 319 -0.19 1.50 -35.24
N VAL A 320 0.94 1.46 -34.52
CA VAL A 320 1.74 0.19 -34.35
C VAL A 320 0.85 -0.82 -33.62
N GLU A 321 0.14 -0.39 -32.57
CA GLU A 321 -0.69 -1.38 -31.84
C GLU A 321 -1.89 -1.79 -32.67
N LEU A 322 -2.46 -0.84 -33.44
CA LEU A 322 -3.60 -1.21 -34.28
C LEU A 322 -3.14 -2.18 -35.39
N TYR A 323 -1.97 -1.98 -35.93
CA TYR A 323 -1.45 -2.97 -36.90
C TYR A 323 -1.27 -4.34 -36.26
N ARG A 324 -0.66 -4.38 -35.09
CA ARG A 324 -0.43 -5.66 -34.39
C ARG A 324 -1.74 -6.37 -34.15
N SER A 325 -2.78 -5.63 -33.74
CA SER A 325 -4.05 -6.26 -33.38
C SER A 325 -4.95 -6.56 -34.57
N THR A 326 -4.60 -6.01 -35.75
CA THR A 326 -5.48 -6.28 -36.90
C THR A 326 -4.77 -7.03 -38.01
N GLN A 327 -3.45 -6.89 -38.04
CA GLN A 327 -2.69 -7.37 -39.23
C GLN A 327 -3.18 -6.71 -40.55
N GLU A 328 -3.81 -5.53 -40.49
CA GLU A 328 -4.33 -4.89 -41.72
C GLU A 328 -3.28 -3.88 -42.28
N ASN A 329 -2.86 -4.04 -43.54
CA ASN A 329 -1.82 -3.19 -44.19
C ASN A 329 -2.02 -1.68 -44.05
N ASN A 330 -3.27 -1.27 -44.12
CA ASN A 330 -3.73 0.03 -43.72
C ASN A 330 -2.90 0.66 -42.54
N PHE A 331 -2.87 -0.08 -41.42
CA PHE A 331 -2.23 0.42 -40.17
C PHE A 331 -0.70 0.38 -40.26
N LEU A 332 -0.18 -0.52 -41.08
CA LEU A 332 1.24 -0.49 -41.23
C LEU A 332 1.63 0.73 -42.08
N ALA A 333 0.79 1.13 -43.06
CA ALA A 333 1.02 2.40 -43.79
C ALA A 333 0.93 3.61 -42.89
N GLU A 334 -0.04 3.62 -41.94
CA GLU A 334 -0.06 4.68 -40.95
C GLU A 334 1.15 4.74 -40.11
N ALA A 335 1.60 3.57 -39.62
CA ALA A 335 2.72 3.55 -38.72
C ALA A 335 3.98 4.05 -39.44
N ARG A 336 4.10 3.65 -40.70
CA ARG A 336 5.23 4.14 -41.47
C ARG A 336 5.18 5.67 -41.65
N MET A 337 3.99 6.22 -41.91
CA MET A 337 3.89 7.69 -42.00
C MET A 337 4.33 8.40 -40.68
N TRP A 338 3.88 7.90 -39.55
CA TRP A 338 4.19 8.49 -38.25
C TRP A 338 5.64 8.31 -37.86
N ALA A 339 6.20 7.14 -38.13
CA ALA A 339 7.61 6.92 -37.89
C ALA A 339 8.52 7.88 -38.66
N ASP A 340 8.22 8.02 -39.95
CA ASP A 340 8.92 9.02 -40.85
C ASP A 340 8.83 10.43 -40.30
N LYS A 341 7.66 10.84 -39.84
CA LYS A 341 7.56 12.17 -39.11
C LYS A 341 8.40 12.26 -37.86
N LEU A 342 8.29 11.25 -36.96
CA LEU A 342 9.07 11.22 -35.74
C LEU A 342 10.57 11.19 -36.01
N MET A 343 10.98 10.35 -36.95
CA MET A 343 12.44 10.33 -37.25
C MET A 343 12.94 11.70 -37.72
N ALA A 344 12.11 12.41 -38.49
CA ALA A 344 12.53 13.72 -38.99
C ALA A 344 12.67 14.69 -37.85
N ARG A 345 12.21 14.35 -36.63
CA ARG A 345 12.48 15.24 -35.48
C ARG A 345 13.92 15.18 -34.99
N GLN A 346 14.67 14.17 -35.40
CA GLN A 346 16.08 14.14 -34.98
C GLN A 346 16.90 15.13 -35.89
N MET A 347 17.63 16.03 -35.27
CA MET A 347 18.27 17.18 -35.93
C MET A 347 19.61 17.41 -35.23
N SER A 348 20.49 18.21 -35.84
CA SER A 348 21.78 18.52 -35.24
C SER A 348 21.96 19.99 -35.26
N ASP A 349 22.75 20.51 -34.34
CA ASP A 349 23.03 21.94 -34.29
C ASP A 349 24.45 22.06 -33.74
N HIS A 350 24.91 23.24 -33.35
CA HIS A 350 26.31 23.47 -32.92
C HIS A 350 26.60 22.87 -31.56
N ASN A 351 25.55 22.56 -30.79
CA ASN A 351 25.73 21.94 -29.49
C ASN A 351 25.63 20.44 -29.51
N PHE A 352 24.68 19.89 -30.24
CA PHE A 352 24.46 18.47 -30.15
C PHE A 352 24.17 17.90 -31.49
N ALA A 353 24.81 16.78 -31.81
CA ALA A 353 24.32 16.08 -32.96
C ALA A 353 23.15 15.13 -32.51
N HIS A 354 22.14 15.04 -33.36
CA HIS A 354 21.00 14.09 -33.27
C HIS A 354 20.22 14.31 -31.97
N TYR A 355 20.02 15.56 -31.58
CA TYR A 355 19.07 15.81 -30.48
C TYR A 355 17.67 15.60 -31.01
N TRP A 356 16.68 15.59 -30.11
CA TRP A 356 15.28 15.60 -30.55
C TRP A 356 14.70 17.01 -30.58
N ALA A 357 14.09 17.36 -31.69
CA ALA A 357 13.39 18.68 -31.86
C ALA A 357 11.93 18.51 -31.49
N ALA A 358 11.37 19.51 -30.81
CA ALA A 358 9.99 19.51 -30.49
C ALA A 358 9.20 20.18 -31.66
N ASN A 359 9.75 21.27 -32.21
CA ASN A 359 9.01 21.93 -33.33
C ASN A 359 9.71 21.65 -34.68
N ASP A 360 9.26 22.31 -35.73
CA ASP A 360 9.69 21.97 -37.11
C ASP A 360 11.11 22.32 -37.56
N ASP A 361 11.73 23.31 -36.94
CA ASP A 361 13.05 23.76 -37.37
C ASP A 361 14.10 23.52 -36.29
N GLY A 362 13.67 22.85 -35.21
CA GLY A 362 14.53 22.49 -34.14
C GLY A 362 14.99 23.62 -33.22
N SER A 363 14.36 24.79 -33.35
CA SER A 363 14.71 25.93 -32.50
C SER A 363 14.18 25.67 -31.07
N ARG A 364 13.21 24.73 -30.93
CA ARG A 364 12.81 24.29 -29.59
C ARG A 364 13.11 22.78 -29.44
N PRO A 365 14.08 22.43 -28.57
CA PRO A 365 14.42 21.01 -28.41
C PRO A 365 13.28 20.34 -27.61
N TYR A 366 13.06 19.05 -27.88
CA TYR A 366 12.15 18.24 -27.03
C TYR A 366 12.85 17.91 -25.71
N PHE A 367 12.15 18.11 -24.61
CA PHE A 367 12.56 17.62 -23.30
C PHE A 367 11.26 17.32 -22.58
N HIS A 368 11.23 16.41 -21.61
CA HIS A 368 9.88 16.07 -21.09
C HIS A 368 10.02 15.40 -19.72
N ALA A 369 9.46 16.03 -18.70
CA ALA A 369 9.60 15.60 -17.34
C ALA A 369 8.83 14.29 -16.99
N ALA A 370 7.94 13.82 -17.85
CA ALA A 370 7.17 12.56 -17.62
C ALA A 370 7.62 11.46 -18.54
N GLU A 371 8.21 11.76 -19.70
CA GLU A 371 8.24 10.65 -20.72
C GLU A 371 9.32 10.77 -21.81
N ALA A 372 10.45 11.35 -21.47
CA ALA A 372 11.51 11.67 -22.50
C ALA A 372 12.02 10.46 -23.29
N GLY A 373 11.81 9.26 -22.74
CA GLY A 373 12.17 8.04 -23.47
C GLY A 373 11.19 7.64 -24.57
N LEU A 374 10.04 8.31 -24.67
CA LEU A 374 9.01 7.92 -25.67
C LEU A 374 9.32 8.03 -27.15
N PRO A 375 10.05 9.09 -27.56
CA PRO A 375 10.41 9.01 -28.98
C PRO A 375 11.15 7.71 -29.34
N ALA A 376 12.18 7.32 -28.56
CA ALA A 376 12.95 6.11 -28.85
C ALA A 376 12.10 4.83 -28.61
N ILE A 377 11.29 4.84 -27.56
CA ILE A 377 10.40 3.66 -27.31
C ILE A 377 9.43 3.45 -28.44
N ALA A 378 8.81 4.55 -28.94
CA ALA A 378 7.87 4.39 -30.09
C ALA A 378 8.59 3.82 -31.30
N LEU A 379 9.79 4.32 -31.56
CA LEU A 379 10.56 3.78 -32.71
C LEU A 379 10.89 2.27 -32.51
N MET A 380 11.19 1.89 -31.27
CA MET A 380 11.41 0.46 -30.95
C MET A 380 10.14 -0.36 -31.18
N GLN A 381 8.99 0.17 -30.75
CA GLN A 381 7.72 -0.57 -31.05
C GLN A 381 7.49 -0.79 -32.55
N TYR A 382 7.74 0.27 -33.29
CA TYR A 382 7.60 0.22 -34.75
C TYR A 382 8.58 -0.80 -35.40
N LEU A 383 9.81 -0.85 -34.91
CA LEU A 383 10.81 -1.79 -35.44
C LEU A 383 10.36 -3.24 -35.24
N GLN A 384 9.52 -3.43 -34.23
CA GLN A 384 8.98 -4.76 -33.96
C GLN A 384 8.01 -5.23 -35.05
N ILE A 385 7.39 -4.30 -35.78
CA ILE A 385 6.49 -4.66 -36.88
C ILE A 385 7.04 -4.45 -38.31
N GLU A 386 8.15 -3.74 -38.44
CA GLU A 386 8.58 -3.27 -39.79
C GLU A 386 9.30 -4.41 -40.53
N THR A 387 8.63 -5.03 -41.50
CA THR A 387 9.21 -6.14 -42.31
C THR A 387 10.15 -5.72 -43.47
N HIS A 388 10.05 -4.47 -43.89
CA HIS A 388 10.80 -3.91 -45.03
C HIS A 388 12.23 -3.59 -44.56
N ALA A 389 13.22 -4.24 -45.21
CA ALA A 389 14.62 -4.20 -44.80
C ALA A 389 15.26 -2.81 -44.76
N GLN A 390 15.04 -2.01 -45.80
CA GLN A 390 15.67 -0.67 -45.85
C GLN A 390 14.94 0.26 -44.86
N ARG A 391 13.63 0.13 -44.73
CA ARG A 391 12.91 1.03 -43.77
C ARG A 391 13.50 0.73 -42.36
N ALA A 392 13.66 -0.56 -42.03
CA ALA A 392 14.21 -0.98 -40.75
C ALA A 392 15.63 -0.44 -40.49
N GLU A 393 16.52 -0.53 -41.49
CA GLU A 393 17.92 -0.16 -41.28
C GLU A 393 17.99 1.34 -41.03
N GLN A 394 17.16 2.09 -41.76
CA GLN A 394 17.17 3.55 -41.68
C GLN A 394 16.65 3.95 -40.32
N CYS A 395 15.54 3.31 -39.91
CA CYS A 395 14.96 3.56 -38.54
C CYS A 395 15.96 3.14 -37.43
N GLN A 396 16.60 1.97 -37.57
CA GLN A 396 17.72 1.62 -36.61
C GLN A 396 18.81 2.66 -36.55
N SER A 397 19.14 3.34 -37.68
CA SER A 397 20.20 4.34 -37.60
C SER A 397 19.76 5.56 -36.75
N VAL A 398 18.51 5.94 -36.95
CA VAL A 398 17.93 7.05 -36.17
C VAL A 398 17.84 6.67 -34.66
N LEU A 399 17.42 5.44 -34.39
CA LEU A 399 17.32 5.01 -32.99
C LEU A 399 18.69 5.02 -32.34
N LEU A 400 19.73 4.58 -33.08
CA LEU A 400 21.04 4.38 -32.41
C LEU A 400 21.57 5.75 -32.13
N ASN A 401 21.31 6.65 -33.08
CA ASN A 401 21.67 8.07 -32.90
C ASN A 401 21.01 8.70 -31.67
N ALA A 402 19.75 8.37 -31.47
CA ALA A 402 19.00 8.90 -30.30
C ALA A 402 19.55 8.31 -28.99
N LEU A 403 19.90 7.03 -28.98
CA LEU A 403 20.44 6.39 -27.76
C LEU A 403 21.81 6.97 -27.41
N ASN A 404 22.62 7.16 -28.47
CA ASN A 404 23.91 7.86 -28.35
C ASN A 404 23.85 9.25 -27.86
N PHE A 405 22.81 9.96 -28.25
CA PHE A 405 22.57 11.31 -27.81
C PHE A 405 22.28 11.34 -26.28
N GLU A 406 21.41 10.42 -25.79
CA GLU A 406 21.09 10.47 -24.33
C GLU A 406 22.37 10.16 -23.56
N LEU A 407 23.17 9.18 -24.04
CA LEU A 407 24.41 8.82 -23.32
C LEU A 407 25.40 10.02 -23.41
N SER A 408 25.56 10.62 -24.59
CA SER A 408 26.51 11.80 -24.72
C SER A 408 26.15 12.95 -23.82
N ILE A 409 24.89 13.37 -23.84
CA ILE A 409 24.50 14.51 -23.00
C ILE A 409 24.65 14.24 -21.51
N THR A 410 24.29 13.02 -21.09
CA THR A 410 24.49 12.63 -19.68
C THR A 410 25.98 12.65 -19.26
N HIS A 411 26.85 12.32 -20.19
CA HIS A 411 28.33 12.21 -19.89
C HIS A 411 29.13 13.48 -20.26
N GLU A 412 28.43 14.47 -20.81
CA GLU A 412 29.04 15.79 -21.13
C GLU A 412 29.76 16.50 -20.02
N VAL A 413 29.23 16.44 -18.80
CA VAL A 413 29.77 17.19 -17.69
C VAL A 413 30.03 16.19 -16.56
N ASN A 414 30.63 16.65 -15.47
CA ASN A 414 30.81 15.80 -14.29
C ASN A 414 29.40 15.35 -13.88
N ASN A 415 29.29 14.08 -13.56
CA ASN A 415 27.96 13.52 -13.28
C ASN A 415 28.08 12.20 -12.52
N PRO A 416 28.58 12.23 -11.27
CA PRO A 416 28.83 11.02 -10.46
C PRO A 416 27.56 10.11 -10.39
N PHE A 417 26.37 10.75 -10.29
CA PHE A 417 25.13 10.02 -10.06
C PHE A 417 24.55 9.45 -11.34
N GLY A 418 25.13 9.85 -12.47
CA GLY A 418 24.64 9.43 -13.78
C GLY A 418 23.21 9.96 -14.06
N TYR A 419 22.85 11.10 -13.47
CA TYR A 419 21.49 11.68 -13.69
C TYR A 419 21.31 11.90 -15.18
N PRO A 420 20.19 11.42 -15.76
CA PRO A 420 20.04 11.57 -17.24
C PRO A 420 19.87 13.04 -17.67
N ARG A 421 20.83 13.57 -18.46
CA ARG A 421 20.77 14.99 -18.82
C ARG A 421 19.85 15.22 -20.03
N GLN A 422 19.55 16.47 -20.39
CA GLN A 422 18.58 16.74 -21.45
C GLN A 422 18.94 18.13 -22.08
N TYR A 423 18.36 18.38 -23.24
CA TYR A 423 18.69 19.52 -24.02
C TYR A 423 17.40 20.34 -23.99
N THR A 424 17.46 21.51 -23.42
CA THR A 424 16.29 22.32 -23.13
C THR A 424 16.36 23.73 -23.65
N LYS A 425 15.23 24.46 -23.52
CA LYS A 425 15.22 25.83 -23.89
C LYS A 425 14.08 26.50 -23.14
N ALA A 426 14.42 27.53 -22.38
CA ALA A 426 13.48 28.37 -21.63
C ALA A 426 12.80 29.30 -22.67
N VAL A 427 11.60 29.79 -22.37
CA VAL A 427 10.93 30.65 -23.40
C VAL A 427 11.77 31.90 -23.74
N ASN A 428 12.57 32.40 -22.83
CA ASN A 428 13.39 33.59 -23.16
C ASN A 428 14.88 33.32 -22.97
N GLY A 429 15.30 32.10 -23.29
CA GLY A 429 16.67 31.66 -23.13
C GLY A 429 17.08 30.99 -24.39
N ASP A 430 18.34 30.60 -24.45
CA ASP A 430 18.88 29.87 -25.59
C ASP A 430 18.85 28.33 -25.27
N LYS A 431 18.95 27.53 -26.31
CA LYS A 431 19.12 26.06 -26.17
C LYS A 431 20.39 25.80 -25.36
N GLN A 432 20.27 24.92 -24.37
CA GLN A 432 21.48 24.54 -23.57
C GLN A 432 21.20 23.16 -22.99
N SER A 433 22.27 22.37 -22.70
CA SER A 433 22.07 21.12 -21.96
C SER A 433 21.88 21.45 -20.47
N ALA A 434 21.22 20.52 -19.74
CA ALA A 434 20.97 20.74 -18.32
C ALA A 434 20.69 19.40 -17.64
N PHE A 435 20.73 19.35 -16.30
CA PHE A 435 20.23 18.19 -15.60
C PHE A 435 18.69 18.17 -15.67
N PHE A 436 18.09 19.31 -15.33
CA PHE A 436 16.64 19.38 -14.88
C PHE A 436 15.93 20.29 -15.84
N MET A 437 14.63 20.05 -16.06
CA MET A 437 13.82 20.89 -16.91
C MET A 437 13.84 22.42 -16.53
N PRO A 438 13.72 23.31 -17.51
CA PRO A 438 13.75 24.79 -17.29
C PRO A 438 12.45 25.27 -16.62
N HIS A 439 12.59 26.22 -15.69
CA HIS A 439 11.47 26.66 -14.89
C HIS A 439 10.64 27.70 -15.67
N ASP A 440 11.30 28.45 -16.56
CA ASP A 440 10.58 29.50 -17.41
C ASP A 440 10.19 28.85 -18.72
N ASN A 441 9.01 28.23 -18.81
CA ASN A 441 8.65 27.42 -19.96
C ASN A 441 7.26 27.86 -20.46
N GLU A 442 6.71 27.19 -21.45
CA GLU A 442 5.44 27.71 -22.11
C GLU A 442 4.24 27.69 -21.19
N THR A 443 4.34 27.01 -20.04
CA THR A 443 3.17 26.91 -19.08
C THR A 443 3.11 28.14 -18.20
N GLY A 444 4.24 28.86 -18.05
CA GLY A 444 4.32 29.94 -17.08
C GLY A 444 4.31 29.61 -15.61
N TYR A 445 4.47 28.32 -15.24
CA TYR A 445 4.57 27.97 -13.84
C TYR A 445 5.09 26.53 -13.55
N TRP A 446 4.89 25.59 -14.46
CA TRP A 446 4.92 24.15 -14.10
C TRP A 446 6.34 23.61 -14.25
N TRP A 447 6.78 22.95 -13.19
CA TRP A 447 8.01 22.13 -13.22
C TRP A 447 7.99 21.36 -11.95
N GLN A 448 8.63 20.19 -11.97
CA GLN A 448 8.60 19.31 -10.87
C GLN A 448 9.66 18.23 -11.03
N GLY A 449 9.80 17.39 -10.02
CA GLY A 449 10.75 16.26 -10.08
C GLY A 449 10.37 15.38 -11.25
N GLU A 450 11.37 14.62 -11.74
CA GLU A 450 11.24 13.95 -13.00
C GLU A 450 11.26 12.42 -12.90
N ASN A 451 10.78 11.84 -11.82
CA ASN A 451 10.87 10.35 -11.73
C ASN A 451 10.28 9.56 -12.91
N ALA A 452 9.12 10.00 -13.43
CA ALA A 452 8.50 9.23 -14.55
C ALA A 452 9.42 9.35 -15.75
N ARG A 453 9.96 10.55 -15.96
CA ARG A 453 10.89 10.75 -17.11
C ARG A 453 12.09 9.78 -16.91
N ILE A 454 12.65 9.79 -15.70
CA ILE A 454 13.80 8.89 -15.34
C ILE A 454 13.43 7.44 -15.64
N ALA A 455 12.31 6.97 -15.13
CA ALA A 455 11.88 5.59 -15.47
C ALA A 455 11.56 5.31 -16.95
N SER A 456 11.09 6.34 -17.73
CA SER A 456 10.88 6.12 -19.15
C SER A 456 12.19 5.95 -19.88
N LEU A 457 13.23 6.63 -19.42
CA LEU A 457 14.53 6.44 -20.06
C LEU A 457 15.17 5.09 -19.60
N ILE A 458 14.90 4.67 -18.38
CA ILE A 458 15.29 3.28 -17.95
C ILE A 458 14.61 2.27 -18.88
N THR A 459 13.28 2.37 -19.05
CA THR A 459 12.53 1.55 -20.02
C THR A 459 13.16 1.54 -21.43
N MET A 460 13.45 2.73 -21.99
CA MET A 460 14.11 2.88 -23.34
C MET A 460 15.46 2.06 -23.36
N ALA A 461 16.29 2.23 -22.33
CA ALA A 461 17.65 1.59 -22.27
C ALA A 461 17.52 0.06 -22.24
N TYR A 462 16.52 -0.44 -21.55
CA TYR A 462 16.29 -1.94 -21.54
C TYR A 462 15.61 -2.45 -22.74
N MET A 463 14.65 -1.68 -23.32
CA MET A 463 14.05 -2.14 -24.60
C MET A 463 15.09 -2.22 -25.78
N ALA A 464 16.06 -1.33 -25.73
CA ALA A 464 17.14 -1.25 -26.75
C ALA A 464 17.92 -2.54 -26.78
N GLN A 465 18.03 -3.21 -25.62
CA GLN A 465 18.79 -4.49 -25.52
C GLN A 465 18.37 -5.54 -26.52
N ASN A 466 17.08 -5.56 -26.84
CA ASN A 466 16.49 -6.55 -27.73
C ASN A 466 16.34 -6.00 -29.20
N THR A 467 16.47 -4.68 -29.36
CA THR A 467 16.19 -4.03 -30.63
C THR A 467 17.47 -3.76 -31.41
N ILE A 468 18.46 -3.10 -30.81
CA ILE A 468 19.59 -2.65 -31.59
C ILE A 468 20.60 -3.79 -31.79
N ASN A 469 21.63 -3.53 -32.60
CA ASN A 469 22.58 -4.57 -32.92
C ASN A 469 23.99 -4.22 -32.47
N ASP A 470 24.17 -3.05 -31.85
CA ASP A 470 25.44 -2.58 -31.35
C ASP A 470 25.69 -2.98 -29.89
N ASN A 471 26.46 -4.08 -29.67
CA ASN A 471 26.87 -4.47 -28.32
C ASN A 471 27.49 -3.46 -27.40
N GLU A 472 28.31 -2.56 -27.92
CA GLU A 472 29.01 -1.57 -27.09
C GLU A 472 27.96 -0.56 -26.57
N ILE A 473 27.08 -0.12 -27.47
CA ILE A 473 26.00 0.75 -27.01
C ILE A 473 25.03 0.03 -26.05
N LYS A 474 24.72 -1.25 -26.33
CA LYS A 474 23.84 -2.01 -25.43
C LYS A 474 24.48 -2.02 -24.07
N SER A 475 25.79 -2.26 -24.03
CA SER A 475 26.46 -2.19 -22.80
C SER A 475 26.44 -0.83 -22.03
N GLN A 476 26.72 0.29 -22.68
CA GLN A 476 26.67 1.55 -21.97
C GLN A 476 25.21 1.85 -21.55
N LEU A 477 24.23 1.40 -22.32
CA LEU A 477 22.79 1.57 -21.93
C LEU A 477 22.39 0.79 -20.65
N MET A 478 22.96 -0.42 -20.50
CA MET A 478 22.76 -1.19 -19.22
C MET A 478 23.30 -0.43 -18.07
N ILE A 479 24.51 0.13 -18.22
CA ILE A 479 25.10 0.94 -17.15
C ILE A 479 24.22 2.16 -16.82
N TYR A 480 23.81 2.83 -17.87
CA TYR A 480 22.96 4.05 -17.74
C TYR A 480 21.66 3.72 -17.00
N ALA A 481 21.01 2.65 -17.43
CA ALA A 481 19.74 2.20 -16.86
C ALA A 481 19.89 1.90 -15.40
N HIS A 482 20.99 1.22 -15.06
CA HIS A 482 21.24 0.97 -13.64
C HIS A 482 21.41 2.21 -12.74
N ARG A 483 22.14 3.21 -13.20
CA ARG A 483 22.36 4.43 -12.43
C ARG A 483 21.05 5.25 -12.28
N LEU A 484 20.31 5.28 -13.37
CA LEU A 484 18.93 5.94 -13.35
C LEU A 484 18.08 5.30 -12.25
N THR A 485 18.15 3.98 -12.21
CA THR A 485 17.41 3.15 -11.25
C THR A 485 17.91 3.48 -9.84
N ASP A 486 19.26 3.48 -9.62
CA ASP A 486 19.83 3.93 -8.38
C ASP A 486 19.31 5.29 -7.87
N TRP A 487 19.29 6.26 -8.75
CA TRP A 487 18.82 7.62 -8.37
C TRP A 487 17.43 7.54 -7.73
N ILE A 488 16.52 6.85 -8.41
CA ILE A 488 15.16 6.79 -7.90
C ILE A 488 15.11 6.17 -6.52
N LEU A 489 15.96 5.15 -6.31
CA LEU A 489 15.97 4.38 -5.10
C LEU A 489 17.00 4.74 -4.02
N GLY A 490 17.46 6.00 -4.04
CA GLY A 490 18.14 6.57 -2.87
C GLY A 490 19.63 6.85 -3.12
N LEU A 491 20.17 6.48 -4.29
CA LEU A 491 21.57 6.84 -4.56
C LEU A 491 21.50 8.22 -5.21
N ASN A 492 21.34 9.22 -4.35
CA ASN A 492 21.25 10.57 -4.81
C ASN A 492 21.73 11.43 -3.70
N PRO A 493 21.94 12.74 -3.93
CA PRO A 493 22.54 13.60 -2.88
C PRO A 493 21.71 13.77 -1.66
N PHE A 494 20.42 13.42 -1.74
CA PHE A 494 19.50 13.47 -0.56
C PHE A 494 19.41 12.18 0.25
N ASP A 495 20.10 11.12 -0.20
CA ASP A 495 20.06 9.82 0.46
C ASP A 495 18.61 9.36 0.65
N MET A 496 17.81 9.61 -0.37
CA MET A 496 16.35 9.53 -0.27
C MET A 496 15.80 8.54 -1.33
N CYS A 497 15.19 7.47 -0.85
CA CYS A 497 14.40 6.54 -1.68
C CYS A 497 13.04 7.14 -1.93
N MET A 498 12.70 7.23 -3.21
CA MET A 498 11.43 7.94 -3.57
C MET A 498 10.31 6.98 -3.95
N LEU A 499 10.59 5.71 -3.78
CA LEU A 499 9.57 4.62 -3.78
C LEU A 499 9.07 4.36 -2.35
N ASP A 500 7.82 4.78 -2.07
CA ASP A 500 7.33 4.81 -0.72
C ASP A 500 7.19 3.37 -0.14
N GLY A 501 7.75 3.15 1.04
CA GLY A 501 7.71 1.79 1.57
C GLY A 501 8.96 1.00 1.48
N HIS A 502 9.92 1.51 0.71
CA HIS A 502 11.21 0.86 0.52
C HIS A 502 12.31 1.89 0.80
N GLY A 503 13.45 1.37 1.26
CA GLY A 503 14.59 2.24 1.55
C GLY A 503 14.30 3.18 2.67
N ARG A 504 14.96 4.31 2.67
CA ARG A 504 14.97 5.22 3.82
C ARG A 504 14.65 6.63 3.38
N ASN A 505 14.21 7.45 4.34
CA ASN A 505 13.95 8.88 4.13
C ASN A 505 12.84 9.10 3.09
N ASN A 506 11.87 8.18 3.05
CA ASN A 506 10.74 8.36 2.05
C ASN A 506 10.07 9.70 2.36
N PRO A 507 9.86 10.57 1.36
CA PRO A 507 9.27 11.89 1.62
C PRO A 507 7.76 11.81 1.63
N ASP A 508 7.12 12.72 2.34
CA ASP A 508 5.64 12.74 2.26
C ASP A 508 5.20 14.03 1.61
N TYR A 509 3.87 14.20 1.44
CA TYR A 509 3.33 15.35 0.72
C TYR A 509 2.69 16.31 1.74
N LEU A 510 1.39 16.26 1.97
CA LEU A 510 0.79 17.08 3.04
C LEU A 510 -0.08 16.20 3.98
N PRO A 511 0.56 15.32 4.78
CA PRO A 511 -0.20 14.37 5.63
C PRO A 511 -0.94 15.14 6.73
N GLU A 512 -0.41 16.28 7.15
CA GLU A 512 -1.13 17.04 8.17
C GLU A 512 -2.46 17.58 7.60
N LEU A 513 -2.60 17.66 6.28
CA LEU A 513 -3.88 18.00 5.65
C LEU A 513 -4.64 16.76 5.13
N GLY A 514 -4.14 15.58 5.43
CA GLY A 514 -4.87 14.37 5.04
C GLY A 514 -4.45 13.95 3.67
N PHE A 515 -3.40 14.56 3.11
CA PHE A 515 -2.97 14.14 1.79
C PHE A 515 -1.65 13.43 1.94
N SER A 516 -1.72 12.16 2.27
CA SER A 516 -0.58 11.32 2.58
C SER A 516 -0.13 10.54 1.34
N ASN A 517 1.17 10.42 1.17
CA ASN A 517 1.69 9.54 0.14
C ASN A 517 1.38 8.08 0.46
N ALA A 518 1.25 7.28 -0.57
CA ALA A 518 0.76 5.88 -0.45
C ALA A 518 1.95 4.94 -0.65
N LYS A 519 1.95 3.85 0.09
CA LYS A 519 3.03 2.85 -0.10
C LYS A 519 2.94 2.26 -1.54
N GLY A 520 4.10 1.97 -2.14
CA GLY A 520 4.13 1.43 -3.50
C GLY A 520 4.19 2.58 -4.55
N GLY A 521 3.87 3.83 -4.13
CA GLY A 521 3.87 4.93 -5.10
C GLY A 521 5.25 5.63 -5.22
N VAL A 522 5.37 6.49 -6.22
CA VAL A 522 6.62 7.23 -6.48
C VAL A 522 6.31 8.67 -6.58
N CYS A 523 7.13 9.50 -5.92
CA CYS A 523 6.85 10.95 -5.91
C CYS A 523 7.49 11.64 -7.10
N ASN A 524 7.16 12.92 -7.28
CA ASN A 524 7.81 13.71 -8.39
C ASN A 524 9.34 13.61 -8.28
N GLY A 525 9.88 14.07 -7.14
CA GLY A 525 11.34 13.93 -6.76
C GLY A 525 12.12 15.25 -6.92
N ILE A 526 13.39 15.09 -7.31
CA ILE A 526 14.36 16.17 -7.18
C ILE A 526 14.33 17.08 -8.39
N THR A 527 14.64 18.36 -8.17
CA THR A 527 14.61 19.38 -9.29
C THR A 527 15.88 20.21 -9.20
N SER A 528 16.00 21.24 -10.06
CA SER A 528 17.02 22.26 -9.80
C SER A 528 16.59 23.16 -8.62
N GLY A 529 17.45 24.15 -8.25
CA GLY A 529 17.16 25.04 -7.14
C GLY A 529 15.96 25.90 -7.54
N PHE A 530 15.25 26.40 -6.57
CA PHE A 530 14.14 27.24 -6.89
C PHE A 530 14.64 28.60 -7.37
N GLU A 531 15.76 29.07 -6.85
CA GLU A 531 16.32 30.38 -7.30
C GLU A 531 17.43 30.10 -8.27
N ASN A 532 18.24 29.11 -7.98
CA ASN A 532 19.33 28.79 -8.86
C ASN A 532 19.06 27.55 -9.68
N GLU A 533 18.74 27.71 -10.96
CA GLU A 533 18.59 26.55 -11.86
C GLU A 533 19.84 25.68 -12.09
N GLN A 534 20.98 26.16 -11.68
CA GLN A 534 22.20 25.33 -11.77
C GLN A 534 22.41 24.50 -10.58
N GLY A 535 21.57 24.73 -9.55
CA GLY A 535 21.62 24.01 -8.30
C GLY A 535 20.74 22.76 -8.32
N ILE A 536 20.54 22.18 -7.13
CA ILE A 536 19.73 20.98 -6.91
C ILE A 536 18.88 21.28 -5.73
N ALA A 537 17.67 20.67 -5.67
CA ALA A 537 16.79 20.99 -4.53
C ALA A 537 15.71 19.91 -4.34
N PHE A 538 15.25 19.77 -3.13
CA PHE A 538 14.12 18.88 -2.90
C PHE A 538 13.51 19.37 -1.63
N LYS A 539 12.31 19.95 -1.71
CA LYS A 539 11.71 20.59 -0.49
C LYS A 539 12.66 21.64 0.13
N PRO A 540 13.21 22.57 -0.67
CA PRO A 540 14.14 23.54 -0.11
C PRO A 540 13.49 24.38 0.94
N GLU A 541 14.31 24.80 1.93
CA GLU A 541 13.82 25.46 3.11
C GLU A 541 12.89 26.61 2.79
N LYS A 542 13.23 27.44 1.79
CA LYS A 542 12.42 28.64 1.54
C LYS A 542 10.98 28.33 1.09
N GLN A 543 10.80 27.27 0.32
CA GLN A 543 9.49 26.94 -0.19
C GLN A 543 8.87 25.67 0.40
N LYS A 544 9.56 24.99 1.33
CA LYS A 544 9.07 23.66 1.77
C LYS A 544 7.64 23.72 2.34
N ASP A 545 7.27 24.84 2.99
CA ASP A 545 5.96 24.93 3.65
C ASP A 545 4.94 25.71 2.84
N ASP A 546 5.33 26.15 1.64
CA ASP A 546 4.46 26.94 0.75
C ASP A 546 3.66 25.98 -0.19
N MET A 547 2.34 25.82 0.08
CA MET A 547 1.47 24.96 -0.76
C MET A 547 1.35 25.34 -2.22
N LEU A 548 1.73 26.57 -2.63
CA LEU A 548 1.66 26.90 -4.04
C LEU A 548 2.88 26.34 -4.77
N GLN A 549 3.88 25.90 -3.99
CA GLN A 549 5.16 25.37 -4.53
C GLN A 549 5.50 23.94 -4.15
N ASN A 550 5.15 23.51 -2.92
CA ASN A 550 5.76 22.23 -2.41
C ASN A 550 5.24 20.95 -3.08
N TRP A 551 4.22 21.07 -3.91
CA TRP A 551 3.73 19.92 -4.71
C TRP A 551 4.82 19.47 -5.69
N ARG A 552 5.80 20.34 -5.96
CA ARG A 552 6.78 20.02 -7.06
C ARG A 552 7.72 18.89 -6.62
N TRP A 553 7.79 18.62 -5.32
CA TRP A 553 8.78 17.67 -4.79
C TRP A 553 8.13 16.42 -4.28
N GLY A 554 7.44 16.53 -3.16
CA GLY A 554 6.97 15.31 -2.49
C GLY A 554 5.72 14.62 -2.98
N GLU A 555 4.90 15.33 -3.77
CA GLU A 555 3.61 14.76 -4.16
C GLU A 555 3.83 13.53 -5.04
N GLN A 556 3.02 12.48 -4.86
CA GLN A 556 2.98 11.36 -5.82
C GLN A 556 2.07 11.62 -7.00
N TRP A 557 2.39 11.01 -8.14
CA TRP A 557 1.66 11.22 -9.38
C TRP A 557 1.68 9.92 -10.14
N ILE A 558 0.56 9.48 -10.68
CA ILE A 558 0.50 8.07 -11.19
C ILE A 558 1.47 7.74 -12.39
N PRO A 559 1.83 8.72 -13.27
CA PRO A 559 2.84 8.37 -14.27
C PRO A 559 4.16 7.86 -13.58
N HIS A 560 4.60 8.41 -12.44
CA HIS A 560 5.87 7.90 -11.93
C HIS A 560 5.81 6.41 -11.59
N GLY A 561 4.78 6.00 -10.84
CA GLY A 561 4.64 4.56 -10.52
C GLY A 561 4.52 3.70 -11.76
N ALA A 562 3.79 4.20 -12.78
CA ALA A 562 3.44 3.37 -13.95
C ALA A 562 4.73 3.22 -14.77
N TRP A 563 5.52 4.31 -14.86
CA TRP A 563 6.74 4.17 -15.66
C TRP A 563 7.79 3.29 -14.86
N TYR A 564 7.77 3.41 -13.52
CA TYR A 564 8.63 2.61 -12.64
C TYR A 564 8.22 1.11 -12.85
N LEU A 565 6.93 0.83 -12.91
CA LEU A 565 6.50 -0.56 -13.00
C LEU A 565 7.01 -1.12 -14.32
N LEU A 566 6.86 -0.35 -15.41
CA LEU A 566 7.38 -0.86 -16.72
C LEU A 566 8.92 -1.05 -16.76
N ALA A 567 9.60 -0.10 -16.16
CA ALA A 567 11.07 -0.07 -16.12
C ALA A 567 11.57 -1.31 -15.42
N ILE A 568 10.92 -1.70 -14.30
CA ILE A 568 11.47 -2.90 -13.59
C ILE A 568 11.08 -4.19 -14.30
N THR A 569 10.03 -4.13 -15.14
CA THR A 569 9.55 -5.34 -15.81
C THR A 569 10.55 -5.57 -17.00
N MET A 570 10.96 -4.47 -17.66
CA MET A 570 11.93 -4.55 -18.79
C MET A 570 13.29 -4.99 -18.20
N GLN A 571 13.66 -4.48 -17.03
CA GLN A 571 14.90 -4.97 -16.35
C GLN A 571 14.82 -6.49 -16.09
N PHE A 572 13.64 -6.94 -15.62
CA PHE A 572 13.44 -8.33 -15.32
C PHE A 572 13.62 -9.18 -16.63
N LYS A 573 13.01 -8.73 -17.73
CA LYS A 573 13.17 -9.40 -19.04
C LYS A 573 14.65 -9.51 -19.44
N GLU A 574 15.41 -8.47 -19.19
CA GLU A 574 16.79 -8.42 -19.62
C GLU A 574 17.77 -8.85 -18.50
N ARG A 575 17.27 -9.45 -17.42
CA ARG A 575 18.17 -9.62 -16.26
C ARG A 575 19.34 -10.58 -16.58
N ASN A 576 19.14 -11.51 -17.51
CA ASN A 576 20.17 -12.53 -17.83
C ASN A 576 21.09 -12.11 -18.92
N HIS A 577 20.96 -10.86 -19.40
CA HIS A 577 21.56 -10.43 -20.67
C HIS A 577 23.02 -10.50 -20.51
N VAL A 578 23.67 -11.42 -21.20
CA VAL A 578 25.13 -11.40 -21.07
C VAL A 578 25.71 -10.47 -22.13
N MET B 1 25.14 -9.63 22.33
CA MET B 1 24.18 -8.64 22.89
C MET B 1 23.35 -8.01 21.78
N GLN B 2 22.04 -7.87 21.98
CA GLN B 2 21.11 -7.20 21.07
C GLN B 2 20.18 -6.32 21.87
N LEU B 3 19.97 -5.11 21.42
CA LEU B 3 19.07 -4.21 22.09
C LEU B 3 17.82 -4.16 21.27
N LEU B 4 16.71 -4.58 21.85
CA LEU B 4 15.41 -4.64 21.15
C LEU B 4 14.58 -3.44 21.49
N THR B 5 14.03 -2.76 20.47
CA THR B 5 13.08 -1.65 20.75
C THR B 5 11.84 -1.77 19.86
N ASN B 6 10.83 -0.95 20.14
CA ASN B 6 9.79 -0.69 19.14
C ASN B 6 10.51 -0.12 17.91
N HIS B 7 10.36 -0.81 16.78
CA HIS B 7 11.01 -0.32 15.50
C HIS B 7 10.57 1.05 15.04
N LEU B 8 9.31 1.43 15.32
CA LEU B 8 8.86 2.75 14.92
C LEU B 8 9.26 3.73 16.00
N GLY B 9 8.90 3.42 17.25
CA GLY B 9 9.11 4.42 18.29
C GLY B 9 8.07 4.39 19.39
N TYR B 10 8.06 5.48 20.15
CA TYR B 10 7.21 5.54 21.36
C TYR B 10 6.37 6.78 21.36
N GLU B 11 5.14 6.61 21.83
CA GLU B 11 4.23 7.71 22.00
C GLU B 11 4.90 8.67 23.03
N ARG B 12 4.84 10.00 22.78
CA ARG B 12 5.62 11.01 23.60
C ARG B 12 5.42 10.77 25.13
N LEU B 13 4.17 10.64 25.57
CA LEU B 13 3.85 10.44 27.01
C LEU B 13 3.67 8.93 27.42
N GLY B 14 3.53 8.02 26.50
CA GLY B 14 3.67 6.55 26.92
C GLY B 14 4.89 6.01 27.78
N ALA B 15 4.65 4.84 28.38
CA ALA B 15 5.65 3.93 28.91
C ALA B 15 6.58 3.55 27.81
N LYS B 16 7.85 3.43 28.13
CA LYS B 16 8.92 3.33 27.12
C LYS B 16 9.92 2.39 27.72
N GLN B 17 10.20 1.30 26.99
CA GLN B 17 11.22 0.37 27.39
C GLN B 17 11.97 -0.16 26.20
N ALA B 18 13.16 -0.70 26.44
CA ALA B 18 13.95 -1.48 25.50
C ALA B 18 14.35 -2.77 26.24
N ILE B 19 14.65 -3.83 25.52
CA ILE B 19 15.06 -5.06 26.14
C ILE B 19 16.38 -5.49 25.60
N LEU B 20 17.32 -5.70 26.50
CA LEU B 20 18.66 -6.18 26.16
C LEU B 20 18.66 -7.69 26.33
N GLN B 21 18.99 -8.41 25.28
CA GLN B 21 19.26 -9.84 25.39
C GLN B 21 20.78 -9.94 25.39
N ALA B 22 21.36 -10.39 26.51
CA ALA B 22 22.81 -10.62 26.64
C ALA B 22 23.00 -11.80 27.58
N GLN B 23 24.06 -12.59 27.39
CA GLN B 23 24.39 -13.65 28.37
C GLN B 23 24.73 -13.07 29.75
N HIS B 29 26.50 -3.07 33.93
CA HIS B 29 26.28 -2.05 32.92
C HIS B 29 25.01 -1.27 33.22
N HIS B 30 24.86 -0.17 32.53
CA HIS B 30 23.64 0.61 32.60
C HIS B 30 23.49 1.00 31.13
N ALA B 31 22.48 1.80 30.82
CA ALA B 31 22.18 2.13 29.44
C ALA B 31 22.19 3.61 29.29
N ASP B 32 22.70 4.02 28.14
CA ASP B 32 22.51 5.39 27.67
C ASP B 32 21.39 5.55 26.65
N ILE B 33 20.63 6.64 26.75
CA ILE B 33 19.69 7.12 25.74
C ILE B 33 20.43 8.25 25.01
N ILE B 34 20.66 8.03 23.72
CA ILE B 34 21.36 8.98 22.84
C ILE B 34 20.40 9.77 21.92
N CYS B 35 20.52 11.10 21.91
CA CYS B 35 19.81 11.98 21.00
C CYS B 35 20.54 11.81 19.66
N CYS B 36 19.75 11.47 18.63
CA CYS B 36 20.32 11.20 17.30
C CYS B 36 20.91 12.49 16.67
N GLN B 37 20.16 13.60 16.77
CA GLN B 37 20.58 14.92 16.26
C GLN B 37 21.88 15.42 16.91
N SER B 38 22.05 15.13 18.20
CA SER B 38 23.24 15.52 18.93
C SER B 38 24.38 14.53 18.77
N GLY B 39 24.07 13.24 18.87
CA GLY B 39 25.08 12.23 18.98
C GLY B 39 25.42 12.02 20.44
N GLN B 40 24.84 12.84 21.35
CA GLN B 40 25.22 12.74 22.76
C GLN B 40 24.14 12.15 23.74
N SER B 41 24.62 11.51 24.81
CA SER B 41 23.82 10.89 25.87
C SER B 41 22.97 11.88 26.68
N ILE B 42 21.69 11.57 26.84
CA ILE B 42 20.83 12.49 27.59
C ILE B 42 20.20 11.86 28.83
N MET B 43 20.30 10.54 28.98
CA MET B 43 19.81 9.84 30.18
C MET B 43 20.71 8.69 30.30
N GLN B 44 20.90 8.24 31.54
CA GLN B 44 21.69 7.09 31.84
C GLN B 44 20.74 6.33 32.77
N LEU B 45 20.52 5.08 32.46
CA LEU B 45 19.48 4.32 33.17
C LEU B 45 19.91 2.91 33.52
N PRO B 46 19.37 2.35 34.63
CA PRO B 46 19.83 0.99 35.02
C PRO B 46 19.15 -0.14 34.25
N LEU B 47 19.82 -1.27 34.15
CA LEU B 47 19.29 -2.47 33.55
C LEU B 47 18.60 -3.28 34.63
N GLN B 48 17.31 -3.57 34.52
CA GLN B 48 16.63 -4.50 35.48
C GLN B 48 16.65 -5.92 34.95
N ALA B 49 17.27 -6.86 35.67
CA ALA B 49 17.38 -8.26 35.23
C ALA B 49 16.05 -8.96 35.23
N CYS B 50 15.87 -9.81 34.23
CA CYS B 50 14.66 -10.61 34.09
C CYS B 50 15.10 -12.08 33.86
N GLY B 51 14.32 -13.03 34.36
CA GLY B 51 14.69 -14.43 34.20
C GLY B 51 14.57 -14.96 32.77
N PRO B 52 14.77 -16.28 32.60
CA PRO B 52 14.47 -16.82 31.30
C PRO B 52 12.91 -16.95 31.16
N VAL B 53 12.39 -17.02 29.95
CA VAL B 53 10.91 -16.99 29.82
C VAL B 53 10.46 -18.35 29.43
N ALA B 54 9.59 -18.95 30.23
CA ALA B 54 9.02 -20.27 29.92
C ALA B 54 10.11 -21.16 29.34
N GLN B 55 9.89 -21.82 28.21
CA GLN B 55 10.99 -22.52 27.52
C GLN B 55 11.34 -21.85 26.20
N TRP B 56 11.35 -20.51 26.22
CA TRP B 56 11.63 -19.76 24.98
C TRP B 56 13.11 -19.85 24.61
N HIS B 57 13.93 -20.20 25.60
CA HIS B 57 15.38 -20.29 25.43
C HIS B 57 15.98 -19.06 24.77
N ILE B 58 15.66 -17.88 25.27
CA ILE B 58 16.25 -16.65 24.70
C ILE B 58 17.40 -16.04 25.52
N GLY B 59 17.79 -16.71 26.62
CA GLY B 59 18.87 -16.23 27.51
C GLY B 59 18.21 -15.31 28.50
N ASP B 60 19.03 -14.62 29.27
CA ASP B 60 18.50 -13.65 30.19
C ASP B 60 18.35 -12.35 29.47
N THR B 61 17.48 -11.54 30.05
CA THR B 61 17.13 -10.27 29.51
C THR B 61 17.13 -9.25 30.63
N TYR B 62 17.24 -7.98 30.24
CA TYR B 62 17.13 -6.83 31.13
C TYR B 62 16.24 -5.81 30.47
N SER B 63 15.38 -5.16 31.23
CA SER B 63 14.62 -4.05 30.67
C SER B 63 15.26 -2.75 31.07
N ILE B 64 15.09 -1.75 30.20
CA ILE B 64 15.50 -0.40 30.42
C ILE B 64 14.28 0.46 30.30
N ASP B 65 13.95 1.21 31.34
CA ASP B 65 12.73 1.94 31.35
C ASP B 65 13.06 3.38 31.17
N PHE B 66 12.77 3.92 29.96
CA PHE B 66 13.01 5.34 29.70
C PHE B 66 11.75 6.10 29.53
N THR B 67 10.71 5.67 30.26
CA THR B 67 9.43 6.42 30.24
C THR B 67 9.49 7.93 30.41
N ALA B 68 10.41 8.39 31.25
CA ALA B 68 10.43 9.83 31.61
C ALA B 68 10.79 10.78 30.41
N LEU B 69 11.47 10.26 29.38
CA LEU B 69 11.70 11.02 28.14
C LEU B 69 10.39 11.44 27.51
N ASN B 70 10.16 12.73 27.37
CA ASN B 70 8.92 13.24 26.77
C ASN B 70 9.23 14.24 25.69
N ILE B 71 10.50 14.30 25.30
CA ILE B 71 10.95 15.23 24.27
C ILE B 71 10.82 14.62 22.83
N CYS B 72 10.05 15.24 21.93
CA CYS B 72 9.93 14.63 20.59
C CYS B 72 11.31 14.62 19.94
N GLY B 73 11.74 13.48 19.44
CA GLY B 73 12.96 13.44 18.63
C GLY B 73 13.25 12.02 18.21
N ASP B 74 14.45 11.85 17.67
CA ASP B 74 14.97 10.54 17.33
C ASP B 74 16.07 10.13 18.24
N TYR B 75 16.01 8.87 18.70
CA TYR B 75 16.94 8.40 19.75
C TYR B 75 17.49 7.04 19.45
N ARG B 76 18.56 6.70 20.16
CA ARG B 76 19.17 5.37 20.14
C ARG B 76 19.45 4.93 21.62
N ILE B 77 19.52 3.62 21.89
CA ILE B 77 19.88 3.07 23.21
C ILE B 77 21.28 2.50 22.98
N ARG B 78 22.19 2.74 23.93
CA ARG B 78 23.50 2.10 23.93
C ARG B 78 23.81 1.49 25.30
N VAL B 79 24.35 0.30 25.24
CA VAL B 79 24.86 -0.45 26.37
C VAL B 79 26.18 -0.95 25.91
N GLY B 80 27.23 -0.59 26.65
CA GLY B 80 28.55 -0.96 26.21
C GLY B 80 28.71 -0.33 24.84
N ASP B 81 29.20 -1.15 23.95
CA ASP B 81 29.35 -0.86 22.54
C ASP B 81 28.22 -1.42 21.56
N THR B 82 27.14 -1.96 22.12
CA THR B 82 25.89 -2.40 21.46
C THR B 82 24.93 -1.20 21.37
N GLU B 83 24.46 -0.88 20.13
CA GLU B 83 23.49 0.20 19.92
C GLU B 83 22.20 -0.34 19.32
N SER B 84 21.07 0.15 19.79
CA SER B 84 19.82 -0.20 19.11
C SER B 84 19.77 0.54 17.78
N ALA B 85 18.76 0.21 16.99
CA ALA B 85 18.39 1.05 15.84
C ALA B 85 17.82 2.38 16.36
N SER B 86 17.86 3.42 15.55
CA SER B 86 17.11 4.67 15.79
C SER B 86 15.65 4.40 15.88
N PHE B 87 14.95 5.14 16.77
CA PHE B 87 13.47 5.16 16.79
C PHE B 87 13.02 6.55 17.11
N CYS B 88 11.76 6.81 16.90
CA CYS B 88 11.21 8.12 17.08
C CYS B 88 10.35 8.22 18.29
N VAL B 89 10.41 9.38 18.96
CA VAL B 89 9.42 9.75 20.01
C VAL B 89 8.60 10.92 19.49
N ALA B 90 7.27 10.81 19.46
CA ALA B 90 6.41 11.80 18.87
C ALA B 90 5.05 11.77 19.52
N GLU B 91 4.36 12.89 19.50
CA GLU B 91 2.98 12.84 19.92
C GLU B 91 2.16 12.17 18.79
N GLY B 92 1.32 11.18 19.10
CA GLY B 92 0.43 10.65 18.04
C GLY B 92 1.21 9.87 17.02
N LEU B 93 2.31 9.25 17.46
CA LEU B 93 3.30 8.65 16.55
C LEU B 93 2.62 7.68 15.54
N LEU B 94 1.87 6.72 16.03
CA LEU B 94 1.35 5.71 15.10
C LEU B 94 0.20 6.22 14.23
N MET B 95 -0.54 7.20 14.74
CA MET B 95 -1.57 7.86 13.97
C MET B 95 -0.91 8.54 12.85
N GLN B 96 0.16 9.28 13.17
CA GLN B 96 0.81 10.09 12.18
C GLN B 96 1.52 9.19 11.15
N ASN B 97 2.15 8.12 11.61
CA ASN B 97 3.02 7.37 10.68
C ASN B 97 2.35 6.16 9.98
N THR B 98 1.24 5.64 10.53
CA THR B 98 0.73 4.31 10.05
C THR B 98 -0.77 4.27 9.67
N PHE B 99 -1.58 5.19 10.21
CA PHE B 99 -3.03 5.11 10.04
C PHE B 99 -3.46 5.17 8.55
N SER B 100 -2.87 6.11 7.80
CA SER B 100 -3.17 6.20 6.39
C SER B 100 -2.79 4.92 5.67
N ASP B 101 -1.63 4.32 6.05
CA ASP B 101 -1.17 3.12 5.29
C ASP B 101 -2.13 1.97 5.49
N VAL B 102 -2.67 1.90 6.70
CA VAL B 102 -3.66 0.82 7.01
C VAL B 102 -4.93 1.02 6.16
N LEU B 103 -5.45 2.26 6.01
CA LEU B 103 -6.58 2.43 5.08
C LEU B 103 -6.22 2.05 3.66
N HIS B 104 -5.07 2.53 3.15
CA HIS B 104 -4.71 2.07 1.82
C HIS B 104 -4.66 0.50 1.69
N TYR B 105 -4.18 -0.17 2.78
CA TYR B 105 -4.15 -1.62 2.84
C TYR B 105 -5.53 -2.17 2.64
N PHE B 106 -6.50 -1.72 3.45
CA PHE B 106 -7.85 -2.15 3.13
C PHE B 106 -8.35 -1.88 1.68
N LYS B 107 -8.15 -0.67 1.14
CA LYS B 107 -8.64 -0.36 -0.21
C LYS B 107 -7.95 -1.32 -1.17
N SER B 108 -6.68 -1.67 -0.90
CA SER B 108 -5.92 -2.56 -1.82
C SER B 108 -6.47 -3.99 -1.73
N GLN B 109 -7.16 -4.32 -0.62
CA GLN B 109 -7.68 -5.67 -0.41
C GLN B 109 -9.17 -5.85 -0.78
N ARG B 110 -9.77 -4.80 -1.33
CA ARG B 110 -11.19 -4.89 -1.76
C ARG B 110 -11.37 -5.98 -2.83
N CYS B 111 -12.39 -6.81 -2.64
CA CYS B 111 -12.82 -7.77 -3.68
C CYS B 111 -13.15 -7.05 -4.98
N SER B 112 -12.58 -7.50 -6.09
CA SER B 112 -12.62 -6.67 -7.31
C SER B 112 -12.44 -7.60 -8.48
N GLY B 113 -12.45 -7.05 -9.69
CA GLY B 113 -12.16 -7.78 -10.97
C GLY B 113 -13.02 -9.06 -11.07
N ILE B 114 -12.39 -10.15 -11.50
CA ILE B 114 -13.15 -11.42 -11.76
C ILE B 114 -13.84 -11.99 -10.51
N TYR B 115 -13.25 -11.74 -9.32
CA TYR B 115 -13.89 -12.21 -8.05
C TYR B 115 -15.21 -11.46 -7.73
N GLU B 116 -15.19 -10.16 -7.92
CA GLU B 116 -16.39 -9.27 -7.74
C GLU B 116 -17.40 -9.71 -8.82
N CYS B 117 -16.93 -10.02 -10.01
CA CYS B 117 -17.85 -10.48 -11.04
C CYS B 117 -18.48 -11.81 -10.63
N ALA B 118 -17.65 -12.71 -10.10
CA ALA B 118 -18.17 -14.02 -9.69
C ALA B 118 -19.20 -13.85 -8.54
N ASP B 119 -18.90 -12.93 -7.65
CA ASP B 119 -19.70 -12.85 -6.43
C ASP B 119 -21.08 -12.18 -6.65
N LYS B 120 -21.29 -11.68 -7.86
CA LYS B 120 -22.65 -11.23 -8.22
C LYS B 120 -23.62 -12.37 -8.42
N LYS B 121 -23.10 -13.59 -8.61
CA LYS B 121 -23.90 -14.79 -8.86
C LYS B 121 -23.33 -16.07 -8.29
N VAL B 122 -23.10 -16.05 -7.00
CA VAL B 122 -22.54 -17.12 -6.22
C VAL B 122 -23.68 -18.10 -5.83
N PRO B 123 -23.47 -19.41 -5.94
CA PRO B 123 -24.55 -20.33 -5.48
C PRO B 123 -24.57 -20.53 -3.97
N LEU B 124 -25.77 -20.71 -3.44
CA LEU B 124 -25.92 -21.18 -2.06
C LEU B 124 -25.54 -22.68 -2.01
N PHE B 125 -24.63 -23.10 -1.14
CA PHE B 125 -24.18 -24.47 -1.13
C PHE B 125 -25.38 -25.45 -1.03
N GLY B 126 -25.32 -26.48 -1.85
CA GLY B 126 -26.32 -27.54 -1.87
C GLY B 126 -27.46 -27.26 -2.85
N THR B 127 -27.41 -26.09 -3.51
CA THR B 127 -28.52 -25.67 -4.36
C THR B 127 -27.99 -25.00 -5.63
N ASN B 128 -28.89 -24.71 -6.58
CA ASN B 128 -28.49 -23.94 -7.79
C ASN B 128 -28.94 -22.49 -7.65
N GLU B 129 -29.43 -22.08 -6.49
CA GLU B 129 -29.85 -20.68 -6.36
C GLU B 129 -28.63 -19.75 -6.22
N THR B 130 -28.52 -18.75 -7.08
CA THR B 130 -27.36 -17.86 -7.00
C THR B 130 -27.79 -16.54 -6.36
N VAL B 131 -26.87 -15.91 -5.62
CA VAL B 131 -27.11 -14.64 -4.93
C VAL B 131 -25.95 -13.66 -5.25
N ASP B 132 -26.24 -12.37 -5.06
CA ASP B 132 -25.33 -11.29 -5.31
C ASP B 132 -24.73 -10.85 -3.99
N VAL B 133 -23.50 -11.30 -3.74
CA VAL B 133 -22.84 -10.94 -2.46
C VAL B 133 -21.49 -10.25 -2.76
N HIS B 134 -21.49 -9.43 -3.81
CA HIS B 134 -20.25 -8.77 -4.22
C HIS B 134 -19.83 -7.76 -3.16
N GLY B 135 -18.55 -7.34 -3.17
CA GLY B 135 -18.16 -6.31 -2.22
C GLY B 135 -17.28 -6.87 -1.13
N GLY B 136 -17.00 -6.05 -0.10
CA GLY B 136 -16.14 -6.44 1.01
C GLY B 136 -14.71 -6.67 0.53
N TRP B 137 -13.95 -7.42 1.33
CA TRP B 137 -12.51 -7.54 1.15
C TRP B 137 -12.13 -8.98 1.15
N TYR B 138 -11.08 -9.30 0.43
CA TYR B 138 -10.45 -10.60 0.60
C TYR B 138 -9.97 -10.78 2.00
N ASP B 139 -10.11 -12.01 2.52
CA ASP B 139 -9.90 -12.23 3.96
C ASP B 139 -8.41 -12.18 4.29
N ALA B 140 -7.56 -12.59 3.34
CA ALA B 140 -6.13 -12.83 3.74
C ALA B 140 -5.21 -12.65 2.53
N SER B 141 -3.89 -12.53 2.77
CA SER B 141 -2.94 -12.38 1.64
C SER B 141 -2.91 -13.66 0.82
N GLY B 142 -3.34 -14.80 1.42
CA GLY B 142 -3.45 -15.98 0.59
C GLY B 142 -4.90 -16.50 0.50
N ASP B 143 -5.92 -15.65 0.66
CA ASP B 143 -7.28 -16.24 0.54
C ASP B 143 -8.29 -15.16 0.03
N VAL B 144 -8.86 -15.39 -1.12
CA VAL B 144 -9.79 -14.40 -1.78
C VAL B 144 -11.24 -14.65 -1.33
N SER B 145 -11.43 -15.65 -0.45
CA SER B 145 -12.72 -15.91 0.25
C SER B 145 -13.06 -14.77 1.16
N LYS B 146 -14.36 -14.63 1.50
CA LYS B 146 -14.84 -13.47 2.26
C LYS B 146 -15.67 -14.05 3.41
N TYR B 147 -15.52 -13.51 4.62
CA TYR B 147 -16.06 -14.20 5.78
C TYR B 147 -16.79 -13.30 6.72
N PHE B 148 -17.92 -13.79 7.22
CA PHE B 148 -18.43 -13.29 8.51
C PHE B 148 -17.63 -13.91 9.65
N SER B 149 -17.44 -15.23 9.59
CA SER B 149 -16.60 -15.94 10.56
C SER B 149 -16.28 -17.32 9.97
N HIS B 150 -15.57 -18.17 10.70
CA HIS B 150 -15.44 -19.57 10.34
C HIS B 150 -15.03 -20.35 11.62
N LEU B 151 -14.58 -21.60 11.52
CA LEU B 151 -14.36 -22.46 12.77
C LEU B 151 -15.66 -22.69 13.57
N SER B 152 -16.82 -22.46 12.94
CA SER B 152 -18.08 -22.59 13.73
C SER B 152 -18.26 -24.00 14.40
N TYR B 153 -17.79 -25.03 13.72
CA TYR B 153 -17.88 -26.42 14.17
C TYR B 153 -17.08 -26.65 15.43
N GLY B 154 -16.17 -25.71 15.80
CA GLY B 154 -15.43 -25.82 17.08
C GLY B 154 -16.20 -25.13 18.22
N ASN B 155 -17.23 -24.35 17.87
CA ASN B 155 -18.09 -23.59 18.84
C ASN B 155 -17.47 -22.41 19.61
N TYR B 156 -16.28 -22.60 20.13
CA TYR B 156 -15.70 -21.61 21.08
C TYR B 156 -14.63 -20.73 20.42
N LEU B 157 -14.43 -20.88 19.10
CA LEU B 157 -13.23 -20.24 18.47
C LEU B 157 -13.60 -19.20 17.37
N ASN B 158 -14.90 -19.09 17.06
CA ASN B 158 -15.39 -18.20 15.97
C ASN B 158 -14.71 -16.83 16.07
N PRO B 159 -13.92 -16.47 15.05
CA PRO B 159 -13.50 -15.03 15.07
C PRO B 159 -14.50 -14.10 14.30
N GLN B 160 -14.67 -12.88 14.78
CA GLN B 160 -15.46 -11.85 14.02
C GLN B 160 -14.53 -11.27 12.93
N GLN B 161 -14.93 -11.45 11.66
CA GLN B 161 -14.03 -11.12 10.54
C GLN B 161 -14.52 -9.89 9.86
N THR B 162 -15.14 -10.01 8.69
CA THR B 162 -15.51 -8.79 8.00
C THR B 162 -16.39 -7.84 8.88
N PRO B 163 -17.35 -8.39 9.65
CA PRO B 163 -18.14 -7.41 10.41
C PRO B 163 -17.32 -6.61 11.37
N MET B 164 -16.30 -7.26 11.95
CA MET B 164 -15.48 -6.59 12.95
C MET B 164 -14.76 -5.44 12.28
N VAL B 165 -14.31 -5.66 11.05
CA VAL B 165 -13.59 -4.54 10.34
C VAL B 165 -14.52 -3.31 10.25
N VAL B 166 -15.79 -3.55 9.91
CA VAL B 166 -16.73 -2.45 9.76
C VAL B 166 -16.95 -1.74 11.11
N TRP B 167 -17.26 -2.54 12.14
CA TRP B 167 -17.55 -1.91 13.45
C TRP B 167 -16.30 -1.15 13.97
N ASN B 168 -15.11 -1.75 13.79
CA ASN B 168 -13.88 -1.10 14.22
C ASN B 168 -13.67 0.23 13.51
N MET B 169 -13.96 0.29 12.22
CA MET B 169 -13.69 1.53 11.44
C MET B 169 -14.71 2.60 11.81
N LEU B 170 -15.98 2.18 11.97
CA LEU B 170 -17.02 3.14 12.39
C LEU B 170 -16.76 3.68 13.79
N THR B 171 -16.30 2.81 14.66
CA THR B 171 -16.03 3.21 16.03
C THR B 171 -14.83 4.17 16.05
N ALA B 172 -13.81 3.86 15.23
CA ALA B 172 -12.63 4.75 15.06
C ALA B 172 -13.06 6.09 14.54
N TYR B 173 -14.00 6.07 13.61
CA TYR B 173 -14.45 7.30 13.01
C TYR B 173 -15.11 8.25 14.10
N GLU B 174 -15.93 7.66 14.95
CA GLU B 174 -16.60 8.42 16.02
C GLU B 174 -15.58 8.95 17.02
N VAL B 175 -14.61 8.12 17.41
CA VAL B 175 -13.53 8.55 18.25
C VAL B 175 -12.78 9.77 17.68
N LEU B 176 -12.54 9.76 16.37
CA LEU B 176 -11.78 10.84 15.77
C LEU B 176 -12.62 12.10 15.53
N GLU B 177 -13.93 12.00 15.76
CA GLU B 177 -14.81 13.13 15.48
C GLU B 177 -14.35 14.39 16.19
N ASP B 178 -13.94 14.26 17.44
CA ASP B 178 -13.55 15.44 18.18
C ASP B 178 -12.04 15.76 18.12
N GLU B 179 -11.34 15.19 17.15
CA GLU B 179 -9.90 15.42 17.10
C GLU B 179 -9.64 16.53 16.02
N GLU B 180 -9.24 17.72 16.45
CA GLU B 180 -9.04 18.85 15.53
C GLU B 180 -7.91 18.61 14.57
N SER B 181 -6.89 17.87 14.95
CA SER B 181 -5.74 17.65 14.05
C SER B 181 -6.00 16.59 12.98
N ILE B 182 -7.11 15.84 13.08
CA ILE B 182 -7.52 14.97 12.00
C ILE B 182 -8.21 15.76 10.90
N ALA B 183 -7.77 15.55 9.64
CA ALA B 183 -8.31 16.26 8.49
C ALA B 183 -9.58 15.64 7.98
N ASP B 184 -10.47 16.48 7.42
CA ASP B 184 -11.66 15.94 6.81
C ASP B 184 -11.41 14.95 5.65
N PHE B 185 -10.36 15.17 4.88
CA PHE B 185 -10.05 14.13 3.81
C PHE B 185 -9.83 12.74 4.43
N THR B 186 -9.19 12.71 5.61
CA THR B 186 -8.97 11.41 6.29
C THR B 186 -10.31 10.82 6.71
N ARG B 187 -11.19 11.67 7.28
CA ARG B 187 -12.59 11.24 7.49
C ARG B 187 -13.30 10.72 6.21
N VAL B 188 -13.15 11.41 5.06
CA VAL B 188 -13.73 10.94 3.81
C VAL B 188 -13.25 9.48 3.55
N ARG B 189 -11.92 9.28 3.65
CA ARG B 189 -11.33 7.93 3.32
C ARG B 189 -11.80 6.85 4.31
N LEU B 190 -11.88 7.22 5.58
CA LEU B 190 -12.19 6.24 6.64
C LEU B 190 -13.64 5.85 6.51
N VAL B 191 -14.53 6.85 6.45
CA VAL B 191 -15.97 6.49 6.36
C VAL B 191 -16.28 5.79 5.06
N GLU B 192 -15.55 6.10 3.95
CA GLU B 192 -15.75 5.41 2.71
C GLU B 192 -15.49 3.89 2.88
N GLU B 193 -14.36 3.56 3.47
CA GLU B 193 -13.95 2.13 3.67
C GLU B 193 -15.00 1.48 4.62
N ALA B 194 -15.44 2.21 5.65
CA ALA B 194 -16.43 1.67 6.56
C ALA B 194 -17.76 1.36 5.84
N LEU B 195 -18.28 2.34 5.10
CA LEU B 195 -19.59 2.18 4.47
C LEU B 195 -19.52 1.25 3.29
N TYR B 196 -18.36 1.20 2.64
CA TYR B 196 -18.10 0.14 1.66
C TYR B 196 -18.31 -1.25 2.31
N GLY B 197 -17.68 -1.46 3.49
CA GLY B 197 -17.94 -2.67 4.30
C GLY B 197 -19.42 -2.82 4.70
N ALA B 198 -20.01 -1.75 5.19
CA ALA B 198 -21.45 -1.80 5.53
C ALA B 198 -22.35 -2.30 4.34
N ASP B 199 -22.07 -1.84 3.14
CA ASP B 199 -22.83 -2.20 1.96
C ASP B 199 -22.73 -3.68 1.66
N PHE B 200 -21.53 -4.26 1.91
CA PHE B 200 -21.33 -5.70 1.79
C PHE B 200 -22.13 -6.40 2.87
N LEU B 201 -22.14 -5.83 4.08
CA LEU B 201 -22.93 -6.53 5.15
C LEU B 201 -24.42 -6.57 4.72
N LEU B 202 -24.94 -5.49 4.13
CA LEU B 202 -26.29 -5.53 3.54
C LEU B 202 -26.52 -6.67 2.57
N ARG B 203 -25.57 -6.83 1.61
CA ARG B 203 -25.73 -7.87 0.64
C ARG B 203 -25.60 -9.28 1.20
N MET B 204 -24.91 -9.43 2.31
CA MET B 204 -24.80 -10.75 3.01
C MET B 204 -26.08 -11.14 3.84
N GLN B 205 -27.10 -10.30 3.80
CA GLN B 205 -28.31 -10.63 4.59
C GLN B 205 -29.32 -11.25 3.64
N HIS B 206 -29.82 -12.41 3.98
CA HIS B 206 -30.95 -13.04 3.27
C HIS B 206 -32.27 -12.32 3.54
N PRO B 207 -33.24 -12.39 2.56
CA PRO B 207 -34.58 -11.81 2.87
C PRO B 207 -35.18 -12.24 4.22
N GLN B 208 -34.96 -13.47 4.65
CA GLN B 208 -35.45 -13.95 5.98
C GLN B 208 -34.87 -13.20 7.17
N GLY B 209 -33.65 -12.66 7.01
CA GLY B 209 -33.10 -11.77 8.06
C GLY B 209 -31.76 -12.24 8.53
N TYR B 210 -31.40 -13.50 8.25
CA TYR B 210 -30.14 -14.02 8.73
C TYR B 210 -29.02 -13.50 7.75
N PHE B 211 -27.76 -13.70 8.10
CA PHE B 211 -26.58 -13.28 7.23
C PHE B 211 -25.86 -14.53 6.90
N TYR B 212 -25.21 -14.55 5.72
CA TYR B 212 -24.42 -15.68 5.29
C TYR B 212 -23.09 -15.71 6.02
N MET B 213 -22.59 -16.91 6.34
CA MET B 213 -21.40 -17.02 7.12
C MET B 213 -20.13 -16.71 6.28
N THR B 214 -20.12 -17.17 5.04
CA THR B 214 -18.93 -17.18 4.28
C THR B 214 -19.15 -17.32 2.76
N VAL B 215 -18.24 -16.75 1.95
CA VAL B 215 -18.23 -16.96 0.51
C VAL B 215 -16.85 -17.62 0.36
N PHE B 216 -16.87 -18.92 0.09
CA PHE B 216 -15.65 -19.77 0.28
C PHE B 216 -15.34 -20.55 -0.98
N ASP B 217 -14.06 -20.49 -1.35
CA ASP B 217 -13.58 -21.22 -2.57
C ASP B 217 -12.67 -22.39 -2.25
N LYS B 218 -12.68 -22.89 -1.02
CA LYS B 218 -11.78 -24.04 -0.66
C LYS B 218 -10.31 -23.68 -0.91
N TRP B 219 -9.97 -22.39 -0.71
CA TRP B 219 -8.64 -21.81 -0.97
C TRP B 219 -8.11 -21.99 -2.39
N SER B 220 -9.01 -22.32 -3.34
CA SER B 220 -8.61 -22.64 -4.73
C SER B 220 -8.21 -21.38 -5.58
N LYS B 221 -8.76 -20.21 -5.23
CA LYS B 221 -8.60 -19.02 -6.08
C LYS B 221 -9.37 -19.12 -7.41
N SER B 222 -10.21 -20.13 -7.54
CA SER B 222 -11.02 -20.31 -8.74
C SER B 222 -12.38 -19.56 -8.57
N THR B 223 -12.89 -18.91 -9.62
CA THR B 223 -14.19 -18.23 -9.55
C THR B 223 -15.36 -19.25 -9.45
N GLU B 224 -15.22 -20.35 -10.21
CA GLU B 224 -16.22 -21.46 -10.21
C GLU B 224 -16.43 -22.12 -8.83
N GLN B 225 -15.38 -22.16 -7.97
CA GLN B 225 -15.54 -22.81 -6.65
C GLN B 225 -16.15 -21.89 -5.59
N ARG B 226 -16.33 -20.59 -5.87
CA ARG B 226 -16.86 -19.68 -4.82
C ARG B 226 -18.30 -20.04 -4.46
N GLU B 227 -18.63 -20.27 -3.18
CA GLU B 227 -20.02 -20.60 -2.84
C GLU B 227 -20.31 -20.06 -1.49
N VAL B 228 -21.56 -19.66 -1.29
CA VAL B 228 -22.06 -19.34 0.04
C VAL B 228 -22.20 -20.63 0.85
N CYS B 229 -21.48 -20.73 1.97
CA CYS B 229 -21.45 -21.98 2.74
C CYS B 229 -20.93 -21.71 4.14
N ALA B 230 -20.88 -22.77 4.95
CA ALA B 230 -19.94 -22.92 6.07
C ALA B 230 -18.97 -23.97 5.66
N PHE B 231 -17.88 -24.16 6.44
CA PHE B 231 -16.94 -25.18 6.11
C PHE B 231 -16.20 -25.60 7.37
N SER B 232 -15.59 -26.79 7.38
CA SER B 232 -15.02 -27.38 8.61
C SER B 232 -13.77 -28.15 8.29
N THR B 233 -12.88 -28.21 9.27
CA THR B 233 -11.63 -28.92 9.17
C THR B 233 -10.66 -28.22 8.22
N GLN B 234 -9.37 -28.62 8.30
CA GLN B 234 -8.34 -28.13 7.39
C GLN B 234 -8.55 -28.55 5.94
N ASP B 235 -9.34 -29.58 5.72
CA ASP B 235 -9.74 -29.92 4.34
C ASP B 235 -10.85 -29.02 3.74
N GLY B 236 -11.42 -28.13 4.52
CA GLY B 236 -12.44 -27.17 4.02
C GLY B 236 -13.73 -27.76 3.42
N HIS B 237 -14.19 -28.91 3.99
CA HIS B 237 -15.44 -29.54 3.56
C HIS B 237 -16.57 -28.59 3.76
N LYS B 238 -17.36 -28.35 2.69
CA LYS B 238 -18.43 -27.39 2.75
C LYS B 238 -19.74 -27.92 3.30
N SER B 239 -20.53 -27.06 3.92
CA SER B 239 -21.89 -27.45 4.31
C SER B 239 -22.86 -26.34 4.09
N ALA B 240 -24.14 -26.70 4.21
CA ALA B 240 -25.28 -25.80 4.02
C ALA B 240 -25.66 -24.99 5.26
N ASP B 241 -24.90 -25.13 6.35
CA ASP B 241 -25.17 -24.42 7.63
C ASP B 241 -24.64 -22.97 7.66
N TYR B 242 -25.04 -22.14 6.68
CA TYR B 242 -24.38 -20.85 6.41
C TYR B 242 -25.09 -19.72 7.11
N GLN B 243 -26.21 -20.04 7.82
CA GLN B 243 -26.91 -19.03 8.58
C GLN B 243 -26.04 -18.65 9.81
N ALA B 244 -25.68 -17.37 9.93
CA ALA B 244 -24.72 -16.95 10.94
C ALA B 244 -25.43 -16.66 12.26
N GLY B 245 -25.06 -17.39 13.32
CA GLY B 245 -25.63 -17.07 14.65
C GLY B 245 -24.87 -15.86 15.22
N PHE B 246 -25.27 -15.43 16.42
CA PHE B 246 -24.72 -14.21 16.96
C PHE B 246 -23.20 -14.30 17.06
N ARG B 247 -22.66 -15.48 17.39
CA ARG B 247 -21.20 -15.64 17.57
C ARG B 247 -20.48 -15.88 16.24
N GLN B 248 -21.26 -16.07 15.17
CA GLN B 248 -20.63 -16.40 13.88
C GLN B 248 -20.60 -15.15 13.00
N GLY B 249 -20.33 -13.97 13.60
CA GLY B 249 -20.20 -12.78 12.74
C GLY B 249 -21.43 -11.90 12.78
N ALA B 250 -22.63 -12.46 13.05
CA ALA B 250 -23.84 -11.69 12.75
C ALA B 250 -24.12 -10.65 13.78
N GLY B 251 -23.77 -10.96 15.01
CA GLY B 251 -23.99 -9.95 16.06
C GLY B 251 -23.17 -8.69 15.73
N VAL B 252 -21.89 -8.86 15.41
CA VAL B 252 -21.08 -7.69 15.14
C VAL B 252 -21.62 -6.99 13.85
N ALA B 253 -22.13 -7.75 12.88
CA ALA B 253 -22.64 -7.12 11.65
C ALA B 253 -23.80 -6.24 11.99
N ILE B 254 -24.68 -6.74 12.86
CA ILE B 254 -25.85 -5.90 13.24
C ILE B 254 -25.34 -4.66 13.95
N ALA B 255 -24.35 -4.84 14.80
CA ALA B 255 -23.80 -3.70 15.58
C ALA B 255 -23.26 -2.62 14.62
N ALA B 256 -22.55 -3.07 13.58
CA ALA B 256 -21.88 -2.20 12.60
C ALA B 256 -22.99 -1.48 11.81
N LEU B 257 -24.05 -2.21 11.39
CA LEU B 257 -25.12 -1.57 10.62
C LEU B 257 -25.84 -0.50 11.40
N ALA B 258 -26.09 -0.81 12.66
CA ALA B 258 -26.74 0.18 13.53
C ALA B 258 -25.86 1.42 13.74
N ALA B 259 -24.56 1.21 13.97
CA ALA B 259 -23.62 2.35 14.02
C ALA B 259 -23.59 3.13 12.76
N ALA B 260 -23.58 2.45 11.59
CA ALA B 260 -23.57 3.17 10.31
C ALA B 260 -24.78 4.08 10.18
N SER B 261 -25.94 3.65 10.66
CA SER B 261 -27.18 4.42 10.49
C SER B 261 -27.16 5.74 11.20
N ARG B 262 -26.19 5.91 12.09
CA ARG B 262 -26.14 7.04 13.02
C ARG B 262 -25.22 8.19 12.56
N LEU B 263 -24.57 8.01 11.40
CA LEU B 263 -23.48 8.89 11.01
C LEU B 263 -23.90 10.35 10.93
N SER B 264 -25.14 10.58 10.49
CA SER B 264 -25.67 11.95 10.32
C SER B 264 -25.78 12.64 11.68
N ASN B 265 -25.72 11.90 12.82
CA ASN B 265 -25.57 12.51 14.16
C ASN B 265 -24.28 13.27 14.31
N LEU B 266 -23.26 12.97 13.47
CA LEU B 266 -21.91 13.62 13.69
C LEU B 266 -21.73 14.78 12.73
N ALA B 267 -21.24 15.92 13.25
CA ALA B 267 -21.10 17.16 12.45
C ALA B 267 -20.29 16.97 11.14
N SER B 268 -19.23 16.17 11.18
CA SER B 268 -18.42 15.94 9.96
C SER B 268 -19.22 15.38 8.77
N THR B 269 -20.22 14.53 9.02
CA THR B 269 -20.99 13.89 8.01
C THR B 269 -21.71 14.96 7.14
N SER B 270 -22.14 16.08 7.77
CA SER B 270 -22.72 17.25 7.03
C SER B 270 -21.68 18.08 6.33
N ARG B 271 -20.45 18.04 6.79
CA ARG B 271 -19.46 19.00 6.35
C ARG B 271 -18.67 18.52 5.13
N ILE B 272 -18.36 17.24 5.13
CA ILE B 272 -17.51 16.68 4.10
C ILE B 272 -18.26 16.60 2.79
N PRO B 273 -17.49 16.42 1.71
CA PRO B 273 -18.12 16.20 0.40
C PRO B 273 -19.06 15.01 0.40
N GLN B 274 -20.09 15.11 -0.38
CA GLN B 274 -21.09 14.05 -0.47
C GLN B 274 -21.52 13.71 -1.88
N CYS B 275 -22.03 12.50 -2.07
CA CYS B 275 -22.71 12.14 -3.31
C CYS B 275 -23.73 11.03 -3.03
N GLY B 276 -24.91 11.05 -3.66
CA GLY B 276 -26.11 10.37 -3.12
C GLY B 276 -26.38 10.93 -1.70
N ASP B 277 -27.20 10.21 -0.93
CA ASP B 277 -27.22 10.37 0.55
C ASP B 277 -26.80 8.99 1.13
N ILE B 278 -26.15 9.00 2.32
CA ILE B 278 -25.98 7.78 3.16
C ILE B 278 -27.35 7.07 3.41
N LYS B 279 -27.41 5.82 2.94
CA LYS B 279 -28.55 4.89 3.05
C LYS B 279 -28.88 4.54 4.54
N ALA B 280 -28.94 5.57 5.40
CA ALA B 280 -29.02 5.46 6.85
C ALA B 280 -30.13 4.52 7.28
N ASP B 281 -31.34 4.70 6.70
CA ASP B 281 -32.52 3.92 7.17
C ASP B 281 -32.40 2.52 6.70
N THR B 282 -31.76 2.35 5.53
CA THR B 282 -31.61 0.99 5.03
C THR B 282 -30.70 0.18 5.99
N TYR B 283 -29.62 0.80 6.49
CA TYR B 283 -28.76 0.11 7.42
C TYR B 283 -29.51 -0.20 8.73
N LEU B 284 -30.27 0.78 9.20
CA LEU B 284 -30.92 0.58 10.49
C LEU B 284 -31.98 -0.57 10.39
N GLU B 285 -32.83 -0.52 9.36
CA GLU B 285 -33.82 -1.56 9.17
C GLU B 285 -33.18 -2.93 9.06
N ALA B 286 -32.01 -3.04 8.36
CA ALA B 286 -31.33 -4.34 8.26
C ALA B 286 -30.84 -4.84 9.62
N ALA B 287 -30.30 -3.93 10.41
CA ALA B 287 -29.71 -4.24 11.76
C ALA B 287 -30.93 -4.75 12.64
N LYS B 288 -32.04 -4.00 12.57
CA LYS B 288 -33.22 -4.39 13.43
C LYS B 288 -33.72 -5.75 13.02
N LYS B 289 -33.96 -5.90 11.73
CA LYS B 289 -34.43 -7.16 11.19
C LYS B 289 -33.49 -8.34 11.54
N GLY B 290 -32.18 -8.17 11.32
CA GLY B 290 -31.27 -9.25 11.66
C GLY B 290 -31.27 -9.58 13.15
N TYR B 291 -31.37 -8.54 13.95
CA TYR B 291 -31.43 -8.72 15.37
C TYR B 291 -32.68 -9.54 15.82
N TRP B 292 -33.89 -9.07 15.49
CA TRP B 292 -35.14 -9.80 15.90
C TRP B 292 -35.22 -11.18 15.27
N HIS B 293 -34.67 -11.34 14.06
CA HIS B 293 -34.50 -12.65 13.49
C HIS B 293 -33.65 -13.58 14.38
N LEU B 294 -32.51 -13.13 14.88
CA LEU B 294 -31.67 -14.04 15.66
C LEU B 294 -32.27 -14.29 17.05
N LYS B 295 -33.00 -13.33 17.60
CA LYS B 295 -33.72 -13.60 18.88
C LYS B 295 -34.77 -14.70 18.67
N GLU B 296 -35.24 -14.87 17.44
CA GLU B 296 -36.04 -16.03 17.08
C GLU B 296 -35.21 -17.27 16.76
N MET B 297 -34.10 -17.13 16.03
CA MET B 297 -33.53 -18.32 15.38
C MET B 297 -32.16 -18.74 15.93
N ASN B 298 -31.55 -17.92 16.78
CA ASN B 298 -30.10 -18.11 17.08
C ASN B 298 -29.66 -19.53 17.37
N HIS B 299 -30.33 -20.15 18.34
CA HIS B 299 -29.85 -21.49 18.79
C HIS B 299 -29.80 -22.51 17.64
N GLN B 300 -30.69 -22.37 16.65
CA GLN B 300 -30.82 -23.32 15.52
C GLN B 300 -29.62 -23.18 14.53
N TYR B 301 -28.93 -22.04 14.62
CA TYR B 301 -27.78 -21.69 13.78
C TYR B 301 -26.46 -22.09 14.42
N LEU B 302 -26.49 -22.53 15.69
CA LEU B 302 -25.27 -22.87 16.41
C LEU B 302 -24.96 -24.33 16.26
N ASP B 303 -23.68 -24.65 16.03
CA ASP B 303 -23.28 -26.01 15.81
C ASP B 303 -23.60 -26.96 16.97
N ASN B 304 -23.49 -26.48 18.22
CA ASN B 304 -23.81 -27.37 19.38
C ASN B 304 -25.10 -26.98 20.04
N GLY B 305 -25.83 -26.07 19.39
CA GLY B 305 -27.12 -25.58 19.84
C GLY B 305 -27.07 -24.74 21.09
N LYS B 306 -25.86 -24.34 21.53
CA LYS B 306 -25.74 -23.66 22.82
C LYS B 306 -24.93 -22.33 22.71
N GLU B 307 -25.51 -21.27 23.24
CA GLU B 307 -24.89 -19.91 23.21
C GLU B 307 -23.73 -19.95 24.17
N ASN B 308 -22.69 -19.15 23.93
CA ASN B 308 -21.53 -19.14 24.85
C ASN B 308 -21.12 -17.66 24.97
N ILE B 309 -20.00 -17.36 25.65
CA ILE B 309 -19.55 -15.98 25.87
C ILE B 309 -19.48 -15.21 24.54
N ILE B 310 -19.06 -15.91 23.47
CA ILE B 310 -18.93 -15.20 22.13
C ILE B 310 -20.29 -14.65 21.65
N ASP B 311 -21.36 -15.45 21.76
CA ASP B 311 -22.69 -14.87 21.44
C ASP B 311 -23.02 -13.66 22.24
N GLU B 312 -22.62 -13.72 23.51
CA GLU B 312 -23.11 -12.73 24.46
C GLU B 312 -22.40 -11.38 24.23
N TYR B 313 -21.07 -11.43 24.09
CA TYR B 313 -20.42 -10.15 23.71
C TYR B 313 -20.81 -9.64 22.33
N CYS B 314 -21.05 -10.52 21.34
CA CYS B 314 -21.47 -10.02 20.03
C CYS B 314 -22.86 -9.46 20.08
N ALA B 315 -23.78 -10.16 20.75
CA ALA B 315 -25.15 -9.62 20.90
C ALA B 315 -25.23 -8.39 21.77
N LEU B 316 -24.33 -8.30 22.76
CA LEU B 316 -24.27 -7.05 23.55
C LEU B 316 -23.92 -5.84 22.67
N LEU B 317 -22.93 -6.01 21.80
CA LEU B 317 -22.57 -4.93 20.89
C LEU B 317 -23.76 -4.61 20.00
N ALA B 318 -24.43 -5.63 19.42
CA ALA B 318 -25.60 -5.36 18.60
C ALA B 318 -26.64 -4.52 19.31
N SER B 319 -27.03 -4.99 20.50
CA SER B 319 -28.21 -4.37 21.20
C SER B 319 -27.85 -2.96 21.70
N VAL B 320 -26.60 -2.79 22.11
CA VAL B 320 -26.09 -1.46 22.53
C VAL B 320 -26.17 -0.46 21.37
N GLU B 321 -25.66 -0.89 20.18
CA GLU B 321 -25.68 0.01 19.02
C GLU B 321 -27.09 0.28 18.59
N LEU B 322 -27.93 -0.76 18.65
CA LEU B 322 -29.32 -0.56 18.27
C LEU B 322 -30.02 0.42 19.23
N TYR B 323 -29.71 0.27 20.51
CA TYR B 323 -30.18 1.31 21.51
C TYR B 323 -29.69 2.75 21.20
N ARG B 324 -28.39 2.94 20.94
CA ARG B 324 -27.91 4.27 20.56
C ARG B 324 -28.55 4.84 19.30
N SER B 325 -28.87 3.96 18.34
CA SER B 325 -29.43 4.38 17.09
C SER B 325 -30.96 4.59 17.07
N THR B 326 -31.70 4.04 18.03
CA THR B 326 -33.19 4.14 18.01
C THR B 326 -33.75 4.79 19.31
N GLN B 327 -33.02 4.73 20.42
CA GLN B 327 -33.49 5.17 21.76
C GLN B 327 -34.73 4.40 22.22
N GLU B 328 -34.93 3.23 21.64
CA GLU B 328 -36.06 2.37 21.96
C GLU B 328 -35.79 1.54 23.16
N ASN B 329 -36.73 1.61 24.10
CA ASN B 329 -36.49 1.01 25.37
C ASN B 329 -36.30 -0.47 25.29
N ASN B 330 -36.98 -1.09 24.36
CA ASN B 330 -36.70 -2.53 24.24
C ASN B 330 -35.25 -2.94 23.98
N PHE B 331 -34.48 -2.08 23.29
CA PHE B 331 -33.05 -2.41 23.02
C PHE B 331 -32.19 -2.17 24.23
N LEU B 332 -32.58 -1.24 25.10
CA LEU B 332 -31.88 -1.13 26.37
C LEU B 332 -32.14 -2.36 27.23
N ALA B 333 -33.38 -2.87 27.21
CA ALA B 333 -33.68 -4.14 27.95
C ALA B 333 -32.88 -5.29 27.36
N GLU B 334 -32.81 -5.32 26.04
CA GLU B 334 -32.02 -6.35 25.41
C GLU B 334 -30.55 -6.25 25.88
N ALA B 335 -29.99 -5.04 25.89
CA ALA B 335 -28.56 -4.88 26.25
C ALA B 335 -28.32 -5.32 27.69
N ARG B 336 -29.23 -4.92 28.60
CA ARG B 336 -29.12 -5.35 30.00
C ARG B 336 -29.09 -6.86 30.11
N MET B 337 -30.00 -7.50 29.37
CA MET B 337 -30.05 -8.95 29.34
C MET B 337 -28.69 -9.54 28.91
N TRP B 338 -28.12 -8.99 27.82
CA TRP B 338 -26.87 -9.58 27.34
C TRP B 338 -25.72 -9.27 28.28
N ALA B 339 -25.73 -8.06 28.84
CA ALA B 339 -24.65 -7.67 29.76
C ALA B 339 -24.66 -8.59 31.02
N ASP B 340 -25.87 -8.81 31.57
CA ASP B 340 -26.01 -9.80 32.67
C ASP B 340 -25.48 -11.16 32.32
N LYS B 341 -25.80 -11.69 31.15
CA LYS B 341 -25.22 -12.95 30.78
C LYS B 341 -23.69 -12.93 30.69
N LEU B 342 -23.18 -11.89 29.98
CA LEU B 342 -21.75 -11.77 29.77
C LEU B 342 -21.03 -11.62 31.13
N MET B 343 -21.62 -10.81 32.01
CA MET B 343 -20.97 -10.65 33.33
C MET B 343 -20.92 -11.94 34.10
N ALA B 344 -21.91 -12.80 33.89
CA ALA B 344 -21.90 -14.11 34.62
C ALA B 344 -20.83 -15.10 34.09
N ARG B 345 -20.11 -14.70 33.00
CA ARG B 345 -19.05 -15.59 32.50
C ARG B 345 -17.82 -15.36 33.27
N GLN B 346 -17.77 -14.26 34.05
CA GLN B 346 -16.61 -14.04 34.91
C GLN B 346 -16.76 -14.97 36.15
N MET B 347 -15.76 -15.82 36.34
CA MET B 347 -15.84 -16.94 37.32
C MET B 347 -14.50 -17.09 37.99
N SER B 348 -14.44 -17.83 39.10
CA SER B 348 -13.16 -17.98 39.80
C SER B 348 -12.96 -19.43 40.06
N ASP B 349 -11.72 -19.86 40.00
CA ASP B 349 -11.39 -21.23 40.36
C ASP B 349 -10.08 -21.31 41.15
N HIS B 350 -9.52 -22.51 41.28
CA HIS B 350 -8.29 -22.76 42.03
C HIS B 350 -7.09 -21.98 41.47
N ASN B 351 -7.11 -21.64 40.18
CA ASN B 351 -5.95 -21.00 39.51
C ASN B 351 -6.05 -19.46 39.43
N PHE B 352 -7.24 -18.95 39.08
CA PHE B 352 -7.54 -17.50 38.90
C PHE B 352 -8.87 -17.09 39.46
N ALA B 353 -8.82 -15.95 40.16
CA ALA B 353 -9.99 -15.18 40.44
C ALA B 353 -10.32 -14.41 39.12
N HIS B 354 -11.61 -14.39 38.82
CA HIS B 354 -12.19 -13.53 37.81
C HIS B 354 -11.65 -13.79 36.39
N TYR B 355 -11.42 -15.05 36.01
CA TYR B 355 -11.07 -15.38 34.62
C TYR B 355 -12.38 -15.33 33.79
N TRP B 356 -12.30 -15.40 32.47
CA TRP B 356 -13.54 -15.43 31.68
C TRP B 356 -13.84 -16.88 31.34
N ALA B 357 -15.05 -17.35 31.68
CA ALA B 357 -15.50 -18.71 31.26
C ALA B 357 -16.04 -18.68 29.83
N ALA B 358 -15.70 -19.67 29.03
CA ALA B 358 -16.33 -19.83 27.74
C ALA B 358 -17.69 -20.56 27.89
N ASN B 359 -17.74 -21.60 28.70
CA ASN B 359 -19.00 -22.38 28.82
C ASN B 359 -19.64 -22.18 30.17
N ASP B 360 -20.71 -22.91 30.46
CA ASP B 360 -21.60 -22.55 31.65
C ASP B 360 -21.02 -22.76 33.03
N ASP B 361 -20.19 -23.79 33.13
CA ASP B 361 -19.66 -24.14 34.45
C ASP B 361 -18.23 -23.65 34.60
N GLY B 362 -17.69 -22.97 33.58
CA GLY B 362 -16.33 -22.51 33.64
C GLY B 362 -15.28 -23.58 33.50
N SER B 363 -15.69 -24.77 33.08
CA SER B 363 -14.66 -25.78 32.88
C SER B 363 -13.81 -25.50 31.62
N ARG B 364 -14.30 -24.65 30.73
CA ARG B 364 -13.53 -24.30 29.51
C ARG B 364 -13.37 -22.80 29.56
N PRO B 365 -12.14 -22.35 29.82
CA PRO B 365 -11.92 -20.90 29.91
C PRO B 365 -12.01 -20.28 28.52
N TYR B 366 -12.33 -18.97 28.47
CA TYR B 366 -12.43 -18.24 27.17
C TYR B 366 -11.02 -17.78 26.86
N PHE B 367 -10.55 -18.01 25.62
CA PHE B 367 -9.25 -17.49 25.14
C PHE B 367 -9.48 -17.33 23.65
N HIS B 368 -8.86 -16.33 23.03
CA HIS B 368 -9.30 -16.03 21.67
C HIS B 368 -8.19 -15.34 20.94
N ALA B 369 -7.74 -15.99 19.87
CA ALA B 369 -6.60 -15.51 19.10
C ALA B 369 -6.86 -14.31 18.20
N ALA B 370 -8.13 -13.93 18.06
CA ALA B 370 -8.45 -12.71 17.27
C ALA B 370 -8.95 -11.56 18.11
N GLU B 371 -9.59 -11.87 19.25
CA GLU B 371 -10.46 -10.84 19.87
C GLU B 371 -10.64 -10.94 21.40
N ALA B 372 -9.60 -11.39 22.09
CA ALA B 372 -9.71 -11.58 23.56
C ALA B 372 -10.14 -10.35 24.32
N GLY B 373 -9.89 -9.11 23.79
CA GLY B 373 -10.41 -7.87 24.46
C GLY B 373 -11.89 -7.61 24.36
N LEU B 374 -12.64 -8.41 23.57
CA LEU B 374 -14.06 -8.09 23.31
C LEU B 374 -14.98 -8.25 24.54
N PRO B 375 -14.75 -9.26 25.37
CA PRO B 375 -15.73 -9.23 26.53
C PRO B 375 -15.67 -7.90 27.32
N ALA B 376 -14.47 -7.41 27.61
CA ALA B 376 -14.34 -6.14 28.32
C ALA B 376 -14.77 -4.97 27.45
N ILE B 377 -14.42 -5.00 26.14
CA ILE B 377 -14.83 -3.94 25.24
C ILE B 377 -16.33 -3.83 25.23
N ALA B 378 -17.02 -4.97 25.15
CA ALA B 378 -18.50 -4.96 24.96
C ALA B 378 -19.14 -4.32 26.26
N LEU B 379 -18.59 -4.70 27.39
CA LEU B 379 -18.99 -4.14 28.71
C LEU B 379 -18.78 -2.64 28.80
N MET B 380 -17.66 -2.17 28.25
CA MET B 380 -17.44 -0.72 28.19
C MET B 380 -18.43 -0.02 27.28
N GLN B 381 -18.78 -0.66 26.15
CA GLN B 381 -19.73 -0.04 25.25
C GLN B 381 -21.08 0.08 26.00
N TYR B 382 -21.43 -1.02 26.65
CA TYR B 382 -22.66 -1.09 27.43
C TYR B 382 -22.64 0.01 28.53
N LEU B 383 -21.48 0.21 29.15
CA LEU B 383 -21.39 1.28 30.20
C LEU B 383 -21.67 2.68 29.67
N GLN B 384 -21.50 2.91 28.36
CA GLN B 384 -21.81 4.26 27.81
C GLN B 384 -23.28 4.57 27.78
N ILE B 385 -24.13 3.55 27.88
CA ILE B 385 -25.56 3.75 27.77
C ILE B 385 -26.33 3.47 29.08
N GLU B 386 -25.69 2.80 30.03
CA GLU B 386 -26.39 2.35 31.24
C GLU B 386 -26.54 3.52 32.20
N THR B 387 -27.74 4.04 32.35
CA THR B 387 -27.94 5.18 33.26
C THR B 387 -28.43 4.75 34.69
N HIS B 388 -28.68 3.47 34.87
CA HIS B 388 -29.13 2.92 36.14
C HIS B 388 -27.90 2.74 37.02
N ALA B 389 -27.88 3.49 38.12
CA ALA B 389 -26.63 3.67 38.92
C ALA B 389 -26.18 2.32 39.50
N GLN B 390 -27.13 1.52 40.01
CA GLN B 390 -26.75 0.23 40.62
C GLN B 390 -26.26 -0.80 39.52
N ARG B 391 -26.98 -0.85 38.40
CA ARG B 391 -26.49 -1.75 37.28
C ARG B 391 -25.09 -1.27 36.84
N ALA B 392 -24.89 0.07 36.79
CA ALA B 392 -23.60 0.62 36.30
C ALA B 392 -22.50 0.27 37.27
N GLU B 393 -22.80 0.41 38.56
CA GLU B 393 -21.85 0.06 39.59
C GLU B 393 -21.44 -1.42 39.58
N GLN B 394 -22.41 -2.30 39.38
CA GLN B 394 -22.09 -3.72 39.40
C GLN B 394 -21.23 -4.10 38.19
N CYS B 395 -21.57 -3.49 37.07
CA CYS B 395 -20.85 -3.71 35.80
C CYS B 395 -19.41 -3.20 35.89
N GLN B 396 -19.24 -1.95 36.40
CA GLN B 396 -17.89 -1.43 36.70
C GLN B 396 -17.08 -2.40 37.46
N SER B 397 -17.66 -3.07 38.46
CA SER B 397 -16.81 -3.97 39.24
C SER B 397 -16.43 -5.23 38.49
N VAL B 398 -17.34 -5.81 37.73
CA VAL B 398 -16.96 -6.97 36.88
C VAL B 398 -15.91 -6.52 35.84
N LEU B 399 -16.11 -5.33 35.31
CA LEU B 399 -15.10 -4.79 34.36
C LEU B 399 -13.73 -4.57 35.02
N LEU B 400 -13.71 -3.96 36.23
CA LEU B 400 -12.45 -3.88 36.94
C LEU B 400 -11.79 -5.23 37.19
N ASN B 401 -12.55 -6.25 37.58
CA ASN B 401 -11.93 -7.55 37.85
C ASN B 401 -11.37 -8.11 36.54
N ALA B 402 -12.09 -7.89 35.42
CA ALA B 402 -11.65 -8.47 34.12
C ALA B 402 -10.31 -7.83 33.71
N LEU B 403 -10.19 -6.50 33.87
CA LEU B 403 -8.91 -5.80 33.59
C LEU B 403 -7.76 -6.21 34.47
N ASN B 404 -8.08 -6.34 35.77
CA ASN B 404 -7.15 -6.93 36.74
C ASN B 404 -6.70 -8.30 36.41
N PHE B 405 -7.61 -9.13 35.89
CA PHE B 405 -7.27 -10.52 35.54
C PHE B 405 -6.21 -10.53 34.41
N GLU B 406 -6.40 -9.65 33.44
CA GLU B 406 -5.45 -9.54 32.30
C GLU B 406 -4.04 -9.15 32.78
N LEU B 407 -4.01 -8.14 33.64
CA LEU B 407 -2.71 -7.65 34.17
C LEU B 407 -2.10 -8.76 34.98
N SER B 408 -2.95 -9.33 35.85
CA SER B 408 -2.45 -10.34 36.79
C SER B 408 -1.89 -11.60 36.11
N ILE B 409 -2.58 -12.15 35.08
CA ILE B 409 -2.09 -13.35 34.39
C ILE B 409 -0.86 -12.99 33.51
N THR B 410 -0.85 -11.75 33.00
CA THR B 410 0.29 -11.28 32.18
C THR B 410 1.59 -11.21 33.06
N HIS B 411 1.39 -10.88 34.32
CA HIS B 411 2.49 -10.72 35.28
C HIS B 411 2.77 -11.88 36.21
N GLU B 412 2.02 -12.98 36.06
CA GLU B 412 2.17 -14.17 36.89
C GLU B 412 3.58 -14.79 36.76
N VAL B 413 4.22 -14.71 35.60
CA VAL B 413 5.46 -15.43 35.35
C VAL B 413 6.45 -14.41 34.72
N ASN B 414 7.71 -14.76 34.58
CA ASN B 414 8.73 -13.88 33.97
C ASN B 414 8.22 -13.59 32.57
N ASN B 415 8.18 -12.30 32.28
CA ASN B 415 7.53 -11.84 31.02
C ASN B 415 8.09 -10.45 30.68
N PRO B 416 9.41 -10.40 30.44
CA PRO B 416 10.03 -9.11 30.14
C PRO B 416 9.34 -8.34 28.99
N PHE B 417 8.82 -9.05 27.98
CA PHE B 417 8.16 -8.37 26.85
C PHE B 417 6.77 -7.91 27.16
N GLY B 418 6.19 -8.35 28.28
CA GLY B 418 4.84 -7.90 28.62
C GLY B 418 3.77 -8.52 27.67
N TYR B 419 4.13 -9.63 27.06
CA TYR B 419 3.21 -10.42 26.19
C TYR B 419 1.94 -10.81 26.92
N PRO B 420 0.77 -10.53 26.30
CA PRO B 420 -0.45 -10.65 27.11
C PRO B 420 -0.78 -12.14 27.28
N ARG B 421 -0.68 -12.63 28.52
CA ARG B 421 -0.94 -14.08 28.75
C ARG B 421 -2.45 -14.38 28.84
N GLN B 422 -2.78 -15.67 28.93
CA GLN B 422 -4.18 -16.04 28.84
C GLN B 422 -4.38 -17.35 29.59
N TYR B 423 -5.64 -17.64 29.85
CA TYR B 423 -6.02 -18.87 30.57
C TYR B 423 -6.64 -19.81 29.57
N THR B 424 -5.99 -20.94 29.33
CA THR B 424 -6.46 -21.76 28.23
C THR B 424 -6.73 -23.22 28.61
N LYS B 425 -7.24 -24.04 27.70
CA LYS B 425 -7.34 -25.52 27.95
C LYS B 425 -7.32 -26.23 26.64
N ALA B 426 -6.45 -27.22 26.51
CA ALA B 426 -6.46 -28.13 25.37
C ALA B 426 -7.59 -29.15 25.57
N VAL B 427 -8.00 -29.83 24.49
CA VAL B 427 -9.12 -30.80 24.50
C VAL B 427 -8.81 -32.00 25.49
N ASN B 428 -7.58 -32.47 25.47
CA ASN B 428 -7.15 -33.57 26.37
C ASN B 428 -6.30 -33.10 27.53
N GLY B 429 -6.43 -31.84 27.93
CA GLY B 429 -5.53 -31.21 28.90
C GLY B 429 -6.32 -30.47 29.93
N ASP B 430 -5.64 -29.96 30.95
CA ASP B 430 -6.24 -29.20 32.05
C ASP B 430 -6.05 -27.71 31.85
N LYS B 431 -6.92 -26.93 32.50
CA LYS B 431 -6.82 -25.46 32.54
C LYS B 431 -5.47 -24.99 33.05
N GLN B 432 -4.85 -24.04 32.30
CA GLN B 432 -3.55 -23.52 32.67
C GLN B 432 -3.33 -22.17 32.03
N SER B 433 -2.56 -21.33 32.69
CA SER B 433 -2.16 -20.05 32.07
C SER B 433 -1.08 -20.40 31.03
N ALA B 434 -0.97 -19.54 30.00
CA ALA B 434 0.03 -19.76 28.93
C ALA B 434 0.26 -18.40 28.25
N PHE B 435 1.30 -18.33 27.42
CA PHE B 435 1.46 -17.13 26.55
C PHE B 435 0.51 -17.20 25.33
N PHE B 436 0.59 -18.34 24.61
CA PHE B 436 -0.03 -18.56 23.29
C PHE B 436 -1.20 -19.56 23.40
N MET B 437 -2.17 -19.42 22.49
CA MET B 437 -3.28 -20.35 22.38
C MET B 437 -2.84 -21.81 22.26
N PRO B 438 -3.66 -22.77 22.80
CA PRO B 438 -3.31 -24.20 22.76
C PRO B 438 -3.48 -24.78 21.38
N HIS B 439 -2.61 -25.68 20.99
CA HIS B 439 -2.69 -26.24 19.62
C HIS B 439 -3.71 -27.38 19.43
N ASP B 440 -3.97 -28.08 20.53
CA ASP B 440 -5.01 -29.16 20.59
C ASP B 440 -6.31 -28.52 21.04
N ASN B 441 -7.11 -28.02 20.09
CA ASN B 441 -8.36 -27.36 20.50
C ASN B 441 -9.49 -27.99 19.72
N GLU B 442 -10.71 -27.45 19.86
CA GLU B 442 -11.91 -28.05 19.24
C GLU B 442 -11.91 -28.05 17.69
N THR B 443 -11.04 -27.24 17.06
CA THR B 443 -10.92 -27.32 15.58
C THR B 443 -10.19 -28.54 15.04
N GLY B 444 -9.35 -29.12 15.86
CA GLY B 444 -8.49 -30.20 15.42
C GLY B 444 -7.34 -29.79 14.53
N TYR B 445 -7.07 -28.48 14.34
CA TYR B 445 -5.88 -28.10 13.50
C TYR B 445 -5.42 -26.67 13.69
N TRP B 446 -6.36 -25.80 14.12
CA TRP B 446 -6.17 -24.36 13.80
C TRP B 446 -5.48 -23.69 14.98
N TRP B 447 -4.45 -22.90 14.70
CA TRP B 447 -3.81 -22.01 15.69
C TRP B 447 -2.87 -21.18 14.89
N GLN B 448 -2.58 -19.97 15.31
CA GLN B 448 -1.69 -19.10 14.46
C GLN B 448 -1.22 -17.91 15.31
N GLY B 449 -0.39 -17.02 14.75
CA GLY B 449 -0.08 -15.76 15.46
C GLY B 449 -1.31 -14.96 15.90
N GLU B 450 -1.17 -14.22 16.98
CA GLU B 450 -2.29 -13.56 17.65
C GLU B 450 -2.31 -12.08 17.55
N ASN B 451 -1.78 -11.49 16.48
CA ASN B 451 -1.73 -10.03 16.44
C ASN B 451 -3.08 -9.31 16.64
N ALA B 452 -4.18 -9.85 16.04
CA ALA B 452 -5.48 -9.23 16.24
C ALA B 452 -5.87 -9.28 17.71
N ARG B 453 -5.62 -10.43 18.35
CA ARG B 453 -6.01 -10.56 19.78
C ARG B 453 -5.24 -9.44 20.59
N ILE B 454 -3.94 -9.34 20.31
CA ILE B 454 -3.04 -8.35 20.95
C ILE B 454 -3.60 -6.95 20.75
N ALA B 455 -3.97 -6.63 19.52
CA ALA B 455 -4.53 -5.30 19.30
C ALA B 455 -5.89 -5.10 19.90
N SER B 456 -6.69 -6.19 19.98
CA SER B 456 -7.98 -6.06 20.72
C SER B 456 -7.73 -5.75 22.21
N LEU B 457 -6.65 -6.31 22.80
CA LEU B 457 -6.35 -6.02 24.21
C LEU B 457 -5.75 -4.60 24.42
N ILE B 458 -4.99 -4.12 23.42
CA ILE B 458 -4.51 -2.74 23.41
C ILE B 458 -5.76 -1.84 23.37
N THR B 459 -6.70 -2.22 22.53
CA THR B 459 -7.93 -1.39 22.38
C THR B 459 -8.64 -1.36 23.74
N MET B 460 -8.86 -2.54 24.36
CA MET B 460 -9.50 -2.63 25.74
C MET B 460 -8.74 -1.75 26.76
N ALA B 461 -7.42 -1.84 26.79
CA ALA B 461 -6.61 -1.08 27.78
C ALA B 461 -6.83 0.45 27.61
N TYR B 462 -6.91 0.93 26.38
CA TYR B 462 -7.10 2.36 26.17
C TYR B 462 -8.55 2.76 26.42
N MET B 463 -9.51 1.94 25.93
CA MET B 463 -10.93 2.21 26.23
C MET B 463 -11.26 2.35 27.74
N ALA B 464 -10.53 1.60 28.54
CA ALA B 464 -10.75 1.59 29.97
C ALA B 464 -10.44 2.97 30.57
N GLN B 465 -9.59 3.77 29.90
CA GLN B 465 -9.14 5.06 30.46
C GLN B 465 -10.28 6.01 30.64
N ASN B 466 -11.26 5.92 29.74
CA ASN B 466 -12.43 6.79 29.79
C ASN B 466 -13.58 6.15 30.57
N THR B 467 -13.42 4.90 30.96
CA THR B 467 -14.52 4.15 31.58
C THR B 467 -14.36 3.92 33.09
N ILE B 468 -13.19 3.44 33.52
CA ILE B 468 -13.08 3.04 34.94
C ILE B 468 -12.76 4.23 35.83
N ASN B 469 -12.77 4.00 37.15
CA ASN B 469 -12.34 5.06 38.09
C ASN B 469 -11.04 4.88 38.82
N ASP B 470 -10.44 3.71 38.72
CA ASP B 470 -9.25 3.37 39.48
C ASP B 470 -8.01 3.88 38.76
N ASN B 471 -7.45 4.99 39.26
CA ASN B 471 -6.28 5.59 38.63
C ASN B 471 -5.07 4.62 38.60
N GLU B 472 -4.88 3.80 39.62
CA GLU B 472 -3.80 2.80 39.64
C GLU B 472 -3.95 1.75 38.50
N ILE B 473 -5.19 1.30 38.28
CA ILE B 473 -5.38 0.32 37.23
C ILE B 473 -5.19 0.96 35.86
N LYS B 474 -5.71 2.17 35.71
CA LYS B 474 -5.63 2.91 34.48
C LYS B 474 -4.14 2.99 34.11
N SER B 475 -3.32 3.33 35.09
CA SER B 475 -1.89 3.42 34.95
C SER B 475 -1.20 2.18 34.46
N GLN B 476 -1.55 1.04 35.08
CA GLN B 476 -1.00 -0.22 34.71
C GLN B 476 -1.53 -0.62 33.31
N LEU B 477 -2.75 -0.23 32.99
CA LEU B 477 -3.32 -0.52 31.60
C LEU B 477 -2.51 0.21 30.51
N MET B 478 -2.14 1.48 30.79
CA MET B 478 -1.37 2.32 29.85
C MET B 478 -0.08 1.70 29.58
N ILE B 479 0.59 1.21 30.61
CA ILE B 479 1.83 0.49 30.44
C ILE B 479 1.66 -0.84 29.63
N TYR B 480 0.65 -1.63 30.03
CA TYR B 480 0.32 -2.88 29.37
C TYR B 480 0.09 -2.58 27.87
N ALA B 481 -0.66 -1.51 27.58
CA ALA B 481 -1.05 -1.17 26.19
C ALA B 481 0.17 -0.84 25.33
N HIS B 482 1.11 -0.07 25.89
CA HIS B 482 2.31 0.32 25.16
C HIS B 482 3.18 -0.86 24.90
N ARG B 483 3.30 -1.85 25.83
CA ARG B 483 4.15 -3.02 25.54
C ARG B 483 3.56 -3.99 24.55
N LEU B 484 2.23 -4.23 24.61
CA LEU B 484 1.59 -5.03 23.54
C LEU B 484 1.83 -4.36 22.19
N THR B 485 1.72 -3.04 22.14
CA THR B 485 1.98 -2.30 20.89
C THR B 485 3.42 -2.53 20.39
N ASP B 486 4.40 -2.42 21.33
CA ASP B 486 5.80 -2.75 21.01
C ASP B 486 6.03 -4.10 20.38
N TRP B 487 5.35 -5.12 20.89
CA TRP B 487 5.54 -6.48 20.42
C TRP B 487 5.19 -6.54 18.93
N ILE B 488 4.00 -6.04 18.56
CA ILE B 488 3.54 -6.10 17.15
C ILE B 488 4.58 -5.38 16.25
N LEU B 489 5.14 -4.30 16.75
CA LEU B 489 6.06 -3.37 16.00
C LEU B 489 7.57 -3.62 16.18
N GLY B 490 7.94 -4.80 16.69
CA GLY B 490 9.34 -5.25 16.51
C GLY B 490 10.10 -5.45 17.84
N LEU B 491 9.45 -5.12 18.98
CA LEU B 491 10.09 -5.39 20.26
C LEU B 491 9.60 -6.78 20.67
N ASN B 492 10.19 -7.79 20.05
CA ASN B 492 9.91 -9.17 20.31
C ASN B 492 11.22 -9.96 20.07
N PRO B 493 11.25 -11.25 20.43
CA PRO B 493 12.52 -11.95 20.25
C PRO B 493 13.02 -12.16 18.84
N PHE B 494 12.18 -11.88 17.82
CA PHE B 494 12.61 -12.04 16.40
C PHE B 494 13.04 -10.71 15.82
N ASP B 495 12.97 -9.66 16.63
CA ASP B 495 13.37 -8.31 16.18
C ASP B 495 12.56 -7.99 14.91
N MET B 496 11.26 -8.30 14.94
CA MET B 496 10.46 -8.31 13.67
C MET B 496 9.24 -7.45 13.75
N CYS B 497 9.17 -6.39 12.93
CA CYS B 497 7.97 -5.54 12.83
C CYS B 497 6.95 -6.24 11.95
N MET B 498 5.77 -6.48 12.47
CA MET B 498 4.76 -7.25 11.76
C MET B 498 3.76 -6.42 10.95
N LEU B 499 3.91 -5.09 11.03
CA LEU B 499 3.12 -4.10 10.21
C LEU B 499 3.97 -3.86 8.95
N ASP B 500 3.47 -4.30 7.80
CA ASP B 500 4.27 -4.38 6.58
C ASP B 500 4.49 -2.97 6.07
N GLY B 501 5.73 -2.67 5.66
CA GLY B 501 6.10 -1.33 5.21
C GLY B 501 6.67 -0.43 6.31
N HIS B 502 6.72 -0.89 7.54
CA HIS B 502 7.29 -0.09 8.65
C HIS B 502 8.26 -0.97 9.38
N GLY B 503 9.30 -0.36 9.95
CA GLY B 503 10.28 -1.16 10.77
C GLY B 503 11.09 -2.11 9.91
N ARG B 504 11.61 -3.17 10.53
CA ARG B 504 12.55 -4.02 9.87
C ARG B 504 12.09 -5.46 9.94
N ASN B 505 12.69 -6.25 9.06
CA ASN B 505 12.40 -7.66 8.97
C ASN B 505 10.96 -8.02 8.73
N ASN B 506 10.22 -7.19 7.97
CA ASN B 506 8.83 -7.60 7.72
C ASN B 506 8.73 -9.00 7.11
N PRO B 507 7.84 -9.85 7.63
CA PRO B 507 7.80 -11.16 7.00
C PRO B 507 6.88 -11.23 5.79
N ASP B 508 7.18 -12.12 4.88
CA ASP B 508 6.26 -12.28 3.77
C ASP B 508 5.52 -13.63 3.92
N TYR B 509 4.59 -13.88 3.00
CA TYR B 509 3.85 -15.12 2.97
C TYR B 509 4.36 -16.08 1.87
N LEU B 510 3.71 -16.14 0.71
CA LEU B 510 4.23 -16.97 -0.42
C LEU B 510 4.38 -16.14 -1.69
N PRO B 511 5.34 -15.20 -1.69
CA PRO B 511 5.43 -14.30 -2.85
C PRO B 511 5.89 -15.07 -4.10
N GLU B 512 6.60 -16.19 -3.91
CA GLU B 512 7.02 -17.03 -5.04
C GLU B 512 5.81 -17.61 -5.79
N LEU B 513 4.64 -17.71 -5.12
CA LEU B 513 3.46 -18.20 -5.71
C LEU B 513 2.48 -17.01 -6.00
N GLY B 514 2.90 -15.77 -5.81
CA GLY B 514 2.10 -14.60 -6.20
C GLY B 514 1.19 -14.24 -5.04
N PHE B 515 1.39 -14.88 -3.88
CA PHE B 515 0.63 -14.46 -2.67
C PHE B 515 1.53 -13.65 -1.74
N SER B 516 1.72 -12.38 -2.11
CA SER B 516 2.61 -11.47 -1.38
C SER B 516 1.84 -10.72 -0.33
N ASN B 517 2.50 -10.48 0.80
CA ASN B 517 1.92 -9.59 1.82
C ASN B 517 1.84 -8.14 1.30
N ALA B 518 0.83 -7.42 1.77
CA ALA B 518 0.55 -6.08 1.29
C ALA B 518 1.02 -5.01 2.34
N LYS B 519 1.53 -3.88 1.85
CA LYS B 519 1.92 -2.76 2.70
C LYS B 519 0.70 -2.28 3.49
N GLY B 520 0.95 -2.00 4.74
CA GLY B 520 -0.09 -1.42 5.63
C GLY B 520 -0.83 -2.53 6.33
N GLY B 521 -0.60 -3.78 5.95
CA GLY B 521 -1.29 -4.95 6.57
C GLY B 521 -0.46 -5.56 7.72
N VAL B 522 -1.09 -6.41 8.54
CA VAL B 522 -0.51 -7.06 9.69
C VAL B 522 -0.68 -8.57 9.53
N CYS B 523 0.39 -9.32 9.82
CA CYS B 523 0.43 -10.75 9.71
C CYS B 523 -0.03 -11.43 10.97
N ASN B 524 -0.31 -12.74 10.91
CA ASN B 524 -0.77 -13.50 12.08
C ASN B 524 0.23 -13.30 13.23
N GLY B 525 1.47 -13.66 12.98
CA GLY B 525 2.58 -13.35 13.89
C GLY B 525 3.18 -14.59 14.65
N ILE B 526 3.62 -14.36 15.91
CA ILE B 526 4.47 -15.35 16.67
C ILE B 526 3.54 -16.33 17.41
N THR B 527 3.94 -17.61 17.53
CA THR B 527 3.15 -18.62 18.26
C THR B 527 4.08 -19.29 19.30
N SER B 528 3.57 -20.25 20.07
CA SER B 528 4.50 -21.18 20.75
C SER B 528 5.21 -22.07 19.74
N GLY B 529 6.15 -22.93 20.17
CA GLY B 529 6.77 -23.80 19.19
C GLY B 529 5.78 -24.86 18.67
N PHE B 530 6.11 -25.44 17.53
CA PHE B 530 5.26 -26.39 16.83
C PHE B 530 5.27 -27.69 17.57
N GLU B 531 6.46 -28.10 18.03
CA GLU B 531 6.58 -29.33 18.85
C GLU B 531 6.46 -29.02 20.36
N ASN B 532 7.09 -27.93 20.85
CA ASN B 532 7.09 -27.47 22.22
C ASN B 532 6.23 -26.28 22.43
N GLU B 533 5.05 -26.50 23.00
CA GLU B 533 4.14 -25.46 23.29
C GLU B 533 4.59 -24.56 24.43
N GLN B 534 5.70 -24.89 25.08
CA GLN B 534 6.29 -23.93 26.05
C GLN B 534 7.35 -23.06 25.37
N GLY B 535 7.67 -23.41 24.12
CA GLY B 535 8.62 -22.67 23.28
C GLY B 535 8.01 -21.40 22.58
N ILE B 536 8.76 -20.81 21.66
CA ILE B 536 8.24 -19.63 20.94
C ILE B 536 8.67 -19.91 19.52
N ALA B 537 7.85 -19.52 18.53
CA ALA B 537 8.31 -19.77 17.19
C ALA B 537 7.71 -18.77 16.19
N PHE B 538 8.47 -18.58 15.11
CA PHE B 538 8.00 -17.86 13.95
C PHE B 538 8.65 -18.44 12.73
N LYS B 539 7.85 -19.07 11.83
CA LYS B 539 8.44 -19.80 10.67
C LYS B 539 9.64 -20.68 11.10
N PRO B 540 9.41 -21.55 12.05
CA PRO B 540 10.45 -22.49 12.49
C PRO B 540 10.92 -23.38 11.37
N GLU B 541 12.21 -23.68 11.39
CA GLU B 541 12.87 -24.38 10.29
C GLU B 541 12.14 -25.57 9.68
N LYS B 542 11.62 -26.43 10.54
CA LYS B 542 11.04 -27.70 10.10
C LYS B 542 9.69 -27.48 9.39
N GLN B 543 9.01 -26.34 9.63
CA GLN B 543 7.68 -26.16 9.00
C GLN B 543 7.67 -24.97 8.01
N LYS B 544 8.77 -24.23 7.95
CA LYS B 544 8.80 -22.98 7.20
C LYS B 544 8.44 -23.14 5.73
N ASP B 545 8.77 -24.29 5.14
CA ASP B 545 8.52 -24.48 3.73
C ASP B 545 7.34 -25.37 3.51
N ASP B 546 6.65 -25.73 4.56
CA ASP B 546 5.49 -26.58 4.42
C ASP B 546 4.18 -25.74 4.27
N MET B 547 3.60 -25.77 3.08
CA MET B 547 2.35 -25.00 2.79
C MET B 547 1.13 -25.35 3.61
N LEU B 548 1.09 -26.58 4.17
CA LEU B 548 0.01 -26.95 5.10
C LEU B 548 0.13 -26.29 6.47
N GLN B 549 1.30 -25.72 6.76
CA GLN B 549 1.60 -25.18 8.10
C GLN B 549 2.03 -23.71 8.13
N ASN B 550 2.71 -23.25 7.09
CA ASN B 550 3.41 -21.95 7.21
C ASN B 550 2.48 -20.69 7.18
N TRP B 551 1.21 -20.88 6.87
CA TRP B 551 0.26 -19.79 6.94
C TRP B 551 0.06 -19.32 8.37
N ARG B 552 0.46 -20.16 9.36
CA ARG B 552 0.20 -19.81 10.78
C ARG B 552 0.99 -18.61 11.23
N TRP B 553 2.03 -18.31 10.47
CA TRP B 553 3.02 -17.23 10.84
C TRP B 553 2.93 -15.98 9.98
N GLY B 554 3.39 -16.07 8.75
CA GLY B 554 3.52 -14.91 7.90
C GLY B 554 2.29 -14.39 7.10
N GLU B 555 1.18 -15.16 7.05
CA GLU B 555 0.09 -14.73 6.21
C GLU B 555 -0.56 -13.53 6.85
N GLN B 556 -1.04 -12.61 6.02
CA GLN B 556 -1.86 -11.51 6.54
C GLN B 556 -3.36 -11.85 6.59
N TRP B 557 -4.08 -11.19 7.50
CA TRP B 557 -5.47 -11.58 7.74
C TRP B 557 -6.18 -10.29 8.17
N ILE B 558 -7.33 -9.94 7.59
CA ILE B 558 -7.84 -8.60 7.76
C ILE B 558 -8.16 -8.24 9.24
N PRO B 559 -8.56 -9.23 10.10
CA PRO B 559 -8.86 -8.74 11.47
C PRO B 559 -7.59 -8.12 12.16
N HIS B 560 -6.37 -8.55 11.78
CA HIS B 560 -5.17 -7.99 12.46
C HIS B 560 -5.10 -6.51 12.17
N GLY B 561 -5.18 -6.18 10.87
CA GLY B 561 -5.16 -4.76 10.40
C GLY B 561 -6.32 -3.94 11.01
N ALA B 562 -7.51 -4.52 11.10
CA ALA B 562 -8.67 -3.75 11.65
C ALA B 562 -8.52 -3.49 13.12
N TRP B 563 -8.00 -4.49 13.84
CA TRP B 563 -7.86 -4.29 15.31
C TRP B 563 -6.69 -3.37 15.59
N TYR B 564 -5.62 -3.44 14.77
CA TYR B 564 -4.52 -2.48 14.88
C TYR B 564 -5.02 -1.01 14.61
N LEU B 565 -5.89 -0.84 13.59
CA LEU B 565 -6.44 0.45 13.25
C LEU B 565 -7.20 1.05 14.43
N LEU B 566 -8.06 0.21 14.99
CA LEU B 566 -8.81 0.73 16.17
C LEU B 566 -7.88 0.94 17.37
N ALA B 567 -6.94 -0.01 17.67
CA ALA B 567 -5.97 0.18 18.72
C ALA B 567 -5.27 1.57 18.68
N ILE B 568 -4.71 1.92 17.53
CA ILE B 568 -3.96 3.18 17.40
C ILE B 568 -4.89 4.41 17.44
N THR B 569 -6.13 4.22 17.08
CA THR B 569 -7.10 5.35 17.15
C THR B 569 -7.42 5.53 18.67
N MET B 570 -7.64 4.42 19.40
CA MET B 570 -7.82 4.57 20.89
C MET B 570 -6.55 5.16 21.57
N GLN B 571 -5.38 4.76 21.12
CA GLN B 571 -4.12 5.35 21.65
C GLN B 571 -4.10 6.84 21.42
N PHE B 572 -4.51 7.21 20.21
CA PHE B 572 -4.55 8.63 19.85
C PHE B 572 -5.52 9.39 20.75
N LYS B 573 -6.72 8.89 20.93
CA LYS B 573 -7.65 9.53 21.92
C LYS B 573 -6.96 9.82 23.26
N GLU B 574 -6.21 8.83 23.75
CA GLU B 574 -5.65 8.82 25.12
C GLU B 574 -4.19 9.26 25.15
N ARG B 575 -3.71 9.83 24.05
CA ARG B 575 -2.27 10.06 23.95
C ARG B 575 -1.79 11.10 25.01
N ASN B 576 -2.68 11.99 25.44
CA ASN B 576 -2.28 13.00 26.46
C ASN B 576 -2.77 12.78 27.88
N HIS B 577 -3.35 11.62 28.12
CA HIS B 577 -3.87 11.31 29.47
C HIS B 577 -2.69 10.66 30.21
N VAL B 578 -2.06 11.45 31.10
CA VAL B 578 -1.09 10.87 32.05
C VAL B 578 -1.74 10.78 33.46
#